data_1BVY
#
_entry.id   1BVY
#
_cell.length_a   58.840
_cell.length_b   94.680
_cell.length_c   209.060
_cell.angle_alpha   90.00
_cell.angle_beta   90.00
_cell.angle_gamma   90.00
#
_symmetry.space_group_name_H-M   'P 21 21 21'
#
loop_
_entity.id
_entity.type
_entity.pdbx_description
1 polymer 'PROTEIN (CYTOCHROME P450 BM-3)'
2 polymer 'PROTEIN (CYTOCHROME P450 BM-3)'
3 non-polymer 'PROTOPORPHYRIN IX CONTAINING FE'
4 non-polymer 1,2-ETHANEDIOL
5 non-polymer 'FLAVIN MONONUCLEOTIDE'
6 water water
#
loop_
_entity_poly.entity_id
_entity_poly.type
_entity_poly.pdbx_seq_one_letter_code
_entity_poly.pdbx_strand_id
1 'polypeptide(L)'
;TIKEMPQPKTFGELKNLPLLNTDKPVQALMKIADELGEIFKFEAPGRVTRYLSSQRLIKEACDESRFDKNLSQALKFVRD
FAGDGLFTSWTHEKNWKKAHNILLPSFSQQAMKGYHAMMVDIAVQLVQKWERLNADEHIEVPEDMTRLTLDTIGLCGFNY
RFNSFYRDQPHPFITSMVRALDEAMNKLQRANPDDPAYDENKRQFQEDIKVMNDLVDKIIADRKASGEQSDDLLTHMLNG
KDPETGEPLDDENIRYQIITFLIAGHETTSGLLSFALYFLVKNPHVLQKAAEEAARVLVDPVPSYKQVKQLKYVGMVLNE
ALRLWPTAPAFSLYAKEDTVLGGEYPLEKGDELMVLIPQLHRDKTIWGDDVEEFRPERFENPSAIPQHAFKPFGNGQRAC
IGQQFALHEATLVLGMMLKHFDFEDHTNYELDIKETLTLKPEGFVVKAKSKKIPLGGI
;
A,B
2 'polypeptide(L)'
;PSPSTEQSAKKVRKKAENAHNTPLLVLYGSNMGTAEGTARDLADIAMSKGFAPQVATLDSHAGNLPREGAVLIVTASYNG
HPPDNAKQFVDWLDQASADEVKGVRYSVFGCGDKNWATTYQKVPAFIDETLAAKGAENIADRGEADASDDFEGTYEEWRE
HMWSDVAAYFNLDIENSEDNKSTLSLQFVDS
;
F
#
# COMPACT_ATOMS: atom_id res chain seq x y z
N LEU A 20 5.97 40.72 -7.79
CA LEU A 20 4.69 40.04 -7.70
C LEU A 20 4.84 38.71 -6.96
N ASN A 21 5.41 38.75 -5.76
CA ASN A 21 5.69 37.52 -5.03
C ASN A 21 4.52 37.12 -4.11
N THR A 22 4.37 35.81 -4.02
CA THR A 22 3.43 35.04 -3.22
C THR A 22 3.50 33.56 -3.62
N ASP A 23 3.35 32.71 -2.62
CA ASP A 23 3.38 31.26 -2.74
C ASP A 23 2.03 30.66 -3.13
N LYS A 24 1.08 31.53 -3.45
CA LYS A 24 -0.26 31.09 -3.83
C LYS A 24 -0.78 31.96 -4.97
N PRO A 25 -0.17 31.78 -6.13
CA PRO A 25 -0.45 32.58 -7.31
C PRO A 25 -1.86 32.42 -7.87
N VAL A 26 -2.30 31.17 -7.98
CA VAL A 26 -3.64 30.96 -8.52
C VAL A 26 -4.64 31.67 -7.63
N GLN A 27 -4.51 31.41 -6.34
CA GLN A 27 -5.41 32.12 -5.41
C GLN A 27 -5.23 33.62 -5.54
N ALA A 28 -3.99 34.10 -5.68
CA ALA A 28 -3.85 35.56 -5.88
C ALA A 28 -4.56 36.01 -7.14
N LEU A 29 -4.44 35.20 -8.20
CA LEU A 29 -5.04 35.56 -9.48
C LEU A 29 -6.56 35.47 -9.45
N MET A 30 -7.17 34.57 -8.69
CA MET A 30 -8.64 34.61 -8.59
C MET A 30 -9.16 35.91 -7.99
N LYS A 31 -8.50 36.41 -6.95
CA LYS A 31 -8.78 37.66 -6.28
C LYS A 31 -8.81 38.84 -7.24
N ILE A 32 -7.80 38.89 -8.10
CA ILE A 32 -7.63 39.88 -9.16
C ILE A 32 -8.74 39.76 -10.19
N ALA A 33 -9.03 38.54 -10.61
CA ALA A 33 -10.14 38.25 -11.51
C ALA A 33 -11.46 38.78 -10.97
N ASP A 34 -11.63 38.76 -9.65
CA ASP A 34 -12.83 39.27 -9.01
C ASP A 34 -12.92 40.79 -9.10
N GLU A 35 -11.76 41.42 -9.25
CA GLU A 35 -11.68 42.87 -9.41
C GLU A 35 -11.75 43.27 -10.88
N LEU A 36 -10.89 42.68 -11.71
CA LEU A 36 -10.80 43.10 -13.10
C LEU A 36 -11.67 42.33 -14.08
N GLY A 37 -12.17 41.15 -13.70
CA GLY A 37 -13.07 40.45 -14.60
C GLY A 37 -12.42 39.37 -15.44
N GLU A 38 -13.06 39.05 -16.55
CA GLU A 38 -12.82 37.88 -17.38
C GLU A 38 -11.46 37.84 -18.05
N ILE A 39 -10.73 38.97 -18.02
CA ILE A 39 -9.41 38.98 -18.65
C ILE A 39 -8.59 40.14 -18.11
N PHE A 40 -7.32 39.85 -17.81
CA PHE A 40 -6.33 40.83 -17.40
C PHE A 40 -4.94 40.34 -17.79
N LYS A 41 -3.97 41.24 -17.84
CA LYS A 41 -2.66 40.87 -18.38
C LYS A 41 -1.52 41.38 -17.51
N PHE A 42 -0.52 40.53 -17.30
CA PHE A 42 0.73 40.89 -16.64
C PHE A 42 1.81 40.95 -17.72
N GLU A 43 2.81 41.79 -17.54
CA GLU A 43 3.87 41.90 -18.52
C GLU A 43 5.24 41.94 -17.83
N ALA A 44 6.11 41.14 -18.40
CA ALA A 44 7.51 41.00 -18.04
C ALA A 44 8.29 41.56 -19.24
N PRO A 45 9.58 41.80 -19.10
CA PRO A 45 10.39 42.33 -20.20
C PRO A 45 10.04 41.80 -21.59
N GLY A 46 9.96 40.48 -21.73
CA GLY A 46 9.67 39.95 -23.07
C GLY A 46 8.46 39.04 -23.07
N ARG A 47 7.59 39.17 -22.07
CA ARG A 47 6.44 38.29 -21.98
C ARG A 47 5.13 39.05 -21.70
N VAL A 48 4.11 38.58 -22.41
CA VAL A 48 2.75 39.05 -22.23
C VAL A 48 1.84 37.88 -21.90
N THR A 49 1.27 37.86 -20.71
CA THR A 49 0.34 36.81 -20.29
C THR A 49 -1.02 37.40 -19.93
N ARG A 50 -2.04 36.87 -20.57
CA ARG A 50 -3.45 37.17 -20.31
C ARG A 50 -4.12 36.05 -19.54
N TYR A 51 -4.84 36.41 -18.49
CA TYR A 51 -5.49 35.36 -17.68
C TYR A 51 -7.00 35.42 -17.90
N LEU A 52 -7.59 34.30 -18.28
CA LEU A 52 -9.00 34.12 -18.57
C LEU A 52 -9.75 33.43 -17.45
N SER A 53 -10.92 33.97 -17.12
CA SER A 53 -11.76 33.55 -16.03
C SER A 53 -13.20 33.27 -16.43
N SER A 54 -13.64 33.76 -17.59
CA SER A 54 -15.04 33.56 -17.95
C SER A 54 -15.22 32.38 -18.88
N GLN A 55 -16.36 31.69 -18.71
CA GLN A 55 -16.68 30.61 -19.64
C GLN A 55 -16.65 31.05 -21.09
N ARG A 56 -17.05 32.30 -21.39
CA ARG A 56 -17.09 32.62 -22.82
C ARG A 56 -15.71 32.76 -23.45
N LEU A 57 -14.74 33.33 -22.74
CA LEU A 57 -13.40 33.56 -23.31
C LEU A 57 -12.58 32.27 -23.34
N ILE A 58 -12.73 31.50 -22.26
CA ILE A 58 -12.09 30.18 -22.18
C ILE A 58 -12.63 29.25 -23.26
N LYS A 59 -13.95 29.23 -23.42
CA LYS A 59 -14.58 28.55 -24.56
C LYS A 59 -13.89 28.92 -25.86
N GLU A 60 -13.72 30.21 -26.12
CA GLU A 60 -13.00 30.64 -27.33
C GLU A 60 -11.55 30.16 -27.36
N ALA A 61 -10.83 30.26 -26.25
CA ALA A 61 -9.44 29.84 -26.19
C ALA A 61 -9.28 28.34 -26.34
N CYS A 62 -10.35 27.57 -26.10
CA CYS A 62 -10.22 26.13 -26.30
C CYS A 62 -10.53 25.66 -27.72
N ASP A 63 -10.52 26.60 -28.67
CA ASP A 63 -10.61 26.26 -30.09
C ASP A 63 -9.19 25.93 -30.57
N GLU A 64 -9.00 24.65 -30.80
CA GLU A 64 -7.74 24.00 -31.13
C GLU A 64 -7.18 24.46 -32.46
N SER A 65 -8.05 24.92 -33.37
CA SER A 65 -7.53 25.41 -34.63
C SER A 65 -6.97 26.82 -34.44
N ARG A 66 -7.24 27.40 -33.27
CA ARG A 66 -6.81 28.77 -33.02
C ARG A 66 -5.76 28.83 -31.92
N PHE A 67 -5.83 27.89 -30.97
CA PHE A 67 -4.95 27.91 -29.82
C PHE A 67 -4.39 26.52 -29.55
N ASP A 68 -3.17 26.45 -29.01
CA ASP A 68 -2.59 25.14 -28.71
C ASP A 68 -1.97 25.13 -27.32
N LYS A 69 -1.66 23.94 -26.80
CA LYS A 69 -1.02 23.86 -25.49
C LYS A 69 0.33 24.56 -25.47
N ASN A 70 0.52 25.39 -24.46
CA ASN A 70 1.82 26.01 -24.20
C ASN A 70 2.51 25.33 -23.03
N LEU A 71 3.82 25.13 -23.14
CA LEU A 71 4.62 24.63 -22.01
C LEU A 71 5.05 25.78 -21.10
N SER A 72 4.47 25.84 -19.90
CA SER A 72 4.92 26.86 -18.96
C SER A 72 6.32 26.50 -18.47
N GLN A 73 6.98 27.48 -17.87
CA GLN A 73 8.28 27.30 -17.23
C GLN A 73 8.26 26.11 -16.29
N ALA A 74 7.20 26.00 -15.48
CA ALA A 74 7.10 24.87 -14.57
C ALA A 74 7.21 23.56 -15.36
N LEU A 75 6.44 23.45 -16.44
CA LEU A 75 6.42 22.23 -17.22
C LEU A 75 7.80 21.97 -17.86
N LYS A 76 8.50 23.06 -18.12
CA LYS A 76 9.80 22.94 -18.77
C LYS A 76 10.84 22.45 -17.76
N PHE A 77 10.67 22.86 -16.52
CA PHE A 77 11.51 22.36 -15.43
C PHE A 77 11.26 20.87 -15.20
N VAL A 78 10.00 20.45 -15.15
CA VAL A 78 9.67 19.04 -14.97
C VAL A 78 10.10 18.22 -16.17
N ARG A 79 10.10 18.82 -17.37
CA ARG A 79 10.63 18.10 -18.53
C ARG A 79 12.05 17.59 -18.29
N ASP A 80 12.84 18.21 -17.42
CA ASP A 80 14.20 17.73 -17.20
C ASP A 80 14.22 16.30 -16.69
N PHE A 81 13.12 15.80 -16.12
CA PHE A 81 13.11 14.40 -15.71
C PHE A 81 11.94 13.64 -16.32
N ALA A 82 10.89 14.35 -16.74
CA ALA A 82 9.74 13.68 -17.32
C ALA A 82 9.92 13.54 -18.83
N GLY A 83 10.94 14.21 -19.35
CA GLY A 83 11.31 14.20 -20.75
C GLY A 83 10.20 14.60 -21.71
N ASP A 84 10.12 13.92 -22.84
CA ASP A 84 9.04 14.10 -23.80
C ASP A 84 7.92 13.08 -23.56
N GLY A 85 7.57 12.85 -22.29
CA GLY A 85 6.33 12.13 -22.00
C GLY A 85 5.17 13.04 -22.38
N LEU A 86 3.93 12.58 -22.30
CA LEU A 86 2.79 13.31 -22.84
C LEU A 86 2.56 14.68 -22.21
N PHE A 87 2.83 14.78 -20.91
CA PHE A 87 2.47 15.93 -20.10
C PHE A 87 3.40 17.10 -20.39
N THR A 88 4.65 16.80 -20.69
CA THR A 88 5.66 17.85 -20.85
C THR A 88 6.12 17.92 -22.29
N SER A 89 5.18 17.66 -23.19
CA SER A 89 5.53 17.69 -24.61
C SER A 89 4.73 18.75 -25.36
N TRP A 90 5.32 19.25 -26.44
CA TRP A 90 4.59 20.14 -27.34
C TRP A 90 3.79 19.22 -28.28
N THR A 91 2.61 19.71 -28.62
CA THR A 91 1.71 18.97 -29.47
C THR A 91 2.39 18.50 -30.76
N HIS A 92 3.24 19.33 -31.36
CA HIS A 92 3.83 18.95 -32.63
C HIS A 92 4.97 17.95 -32.47
N GLU A 93 5.33 17.57 -31.25
CA GLU A 93 6.44 16.62 -31.13
C GLU A 93 6.05 15.20 -31.54
N LYS A 94 6.99 14.56 -32.23
CA LYS A 94 6.78 13.23 -32.79
C LYS A 94 6.24 12.28 -31.73
N ASN A 95 6.95 12.27 -30.61
CA ASN A 95 6.62 11.35 -29.52
C ASN A 95 5.35 11.74 -28.78
N TRP A 96 4.89 13.00 -28.83
CA TRP A 96 3.57 13.24 -28.26
C TRP A 96 2.55 12.55 -29.17
N LYS A 97 2.62 12.84 -30.46
CA LYS A 97 1.69 12.25 -31.41
C LYS A 97 1.66 10.72 -31.29
N LYS A 98 2.81 10.08 -31.43
CA LYS A 98 2.89 8.64 -31.25
C LYS A 98 2.26 8.18 -29.94
N ALA A 99 2.73 8.72 -28.82
CA ALA A 99 2.33 8.21 -27.51
C ALA A 99 0.82 8.39 -27.30
N HIS A 100 0.30 9.53 -27.72
CA HIS A 100 -1.12 9.83 -27.62
C HIS A 100 -1.96 8.84 -28.43
N ASN A 101 -1.52 8.53 -29.64
CA ASN A 101 -2.23 7.63 -30.55
C ASN A 101 -2.22 6.20 -30.01
N ILE A 102 -1.10 5.84 -29.36
CA ILE A 102 -0.96 4.48 -28.86
C ILE A 102 -1.62 4.28 -27.51
N LEU A 103 -1.62 5.28 -26.61
CA LEU A 103 -2.11 5.04 -25.26
C LEU A 103 -3.60 5.32 -25.05
N LEU A 104 -4.18 6.16 -25.89
CA LEU A 104 -5.54 6.64 -25.70
C LEU A 104 -6.51 5.51 -25.42
N PRO A 105 -6.53 4.45 -26.22
CA PRO A 105 -7.48 3.37 -25.88
C PRO A 105 -7.15 2.70 -24.56
N SER A 106 -5.91 2.76 -24.07
CA SER A 106 -5.64 2.07 -22.79
C SER A 106 -6.13 2.88 -21.61
N PHE A 107 -6.63 4.08 -21.89
CA PHE A 107 -7.07 4.92 -20.77
C PHE A 107 -8.58 5.12 -20.76
N SER A 108 -9.30 4.38 -21.59
CA SER A 108 -10.74 4.44 -21.69
C SER A 108 -11.47 3.97 -20.45
N GLN A 109 -12.75 4.30 -20.33
CA GLN A 109 -13.55 3.84 -19.19
C GLN A 109 -13.64 2.33 -19.13
N GLN A 110 -13.74 1.70 -20.30
CA GLN A 110 -13.81 0.24 -20.37
C GLN A 110 -12.51 -0.38 -19.88
N ALA A 111 -11.39 0.25 -20.25
CA ALA A 111 -10.08 -0.24 -19.81
C ALA A 111 -10.00 -0.32 -18.29
N MET A 112 -10.77 0.55 -17.62
CA MET A 112 -10.74 0.60 -16.18
C MET A 112 -11.19 -0.71 -15.56
N LYS A 113 -11.95 -1.54 -16.28
CA LYS A 113 -12.42 -2.81 -15.71
C LYS A 113 -11.28 -3.74 -15.36
N GLY A 114 -10.19 -3.71 -16.14
CA GLY A 114 -9.08 -4.58 -15.79
C GLY A 114 -8.05 -3.95 -14.87
N TYR A 115 -8.17 -2.66 -14.55
CA TYR A 115 -7.26 -2.03 -13.60
C TYR A 115 -7.84 -2.15 -12.19
N HIS A 116 -9.15 -2.31 -12.20
CA HIS A 116 -10.03 -2.30 -11.05
C HIS A 116 -9.53 -3.14 -9.88
N ALA A 117 -9.15 -4.38 -10.17
CA ALA A 117 -8.76 -5.27 -9.09
C ALA A 117 -7.52 -4.75 -8.39
N MET A 118 -6.61 -4.17 -9.18
CA MET A 118 -5.41 -3.72 -8.45
C MET A 118 -5.68 -2.39 -7.74
N MET A 119 -6.72 -1.68 -8.15
CA MET A 119 -7.06 -0.44 -7.44
C MET A 119 -7.66 -0.80 -6.07
N VAL A 120 -8.45 -1.88 -6.09
CA VAL A 120 -9.06 -2.33 -4.85
C VAL A 120 -7.99 -2.84 -3.89
N ASP A 121 -6.98 -3.51 -4.44
CA ASP A 121 -5.84 -4.01 -3.71
C ASP A 121 -5.24 -2.91 -2.84
N ILE A 122 -4.94 -1.77 -3.44
CA ILE A 122 -4.31 -0.69 -2.66
C ILE A 122 -5.36 0.03 -1.81
N ALA A 123 -6.59 0.15 -2.30
CA ALA A 123 -7.68 0.71 -1.49
C ALA A 123 -7.90 -0.09 -0.21
N VAL A 124 -7.75 -1.41 -0.29
CA VAL A 124 -7.89 -2.26 0.87
C VAL A 124 -6.80 -1.95 1.90
N GLN A 125 -5.59 -1.71 1.40
CA GLN A 125 -4.48 -1.36 2.28
C GLN A 125 -4.70 -0.05 3.01
N LEU A 126 -5.30 0.92 2.29
CA LEU A 126 -5.62 2.18 2.95
C LEU A 126 -6.64 1.96 4.07
N VAL A 127 -7.76 1.32 3.77
CA VAL A 127 -8.78 1.02 4.77
C VAL A 127 -8.21 0.27 5.96
N GLN A 128 -7.40 -0.75 5.68
CA GLN A 128 -6.83 -1.55 6.77
C GLN A 128 -5.89 -0.74 7.63
N LYS A 129 -5.16 0.20 7.03
CA LYS A 129 -4.30 1.05 7.85
C LYS A 129 -5.10 1.87 8.87
N TRP A 130 -6.18 2.48 8.39
CA TRP A 130 -7.03 3.25 9.29
C TRP A 130 -7.72 2.38 10.32
N GLU A 131 -8.06 1.14 9.95
CA GLU A 131 -8.69 0.27 10.97
C GLU A 131 -7.72 -0.08 12.10
N ARG A 132 -6.43 -0.07 11.79
CA ARG A 132 -5.41 -0.54 12.71
C ARG A 132 -4.85 0.60 13.52
N LEU A 133 -5.45 1.79 13.41
CA LEU A 133 -4.92 2.91 14.19
C LEU A 133 -5.42 2.80 15.63
N ASN A 134 -4.63 3.27 16.60
CA ASN A 134 -5.09 3.32 17.98
C ASN A 134 -5.96 4.56 18.14
N ALA A 135 -6.81 4.53 19.15
CA ALA A 135 -7.85 5.52 19.33
C ALA A 135 -7.33 6.95 19.41
N ASP A 136 -6.14 7.15 19.98
CA ASP A 136 -5.70 8.53 20.19
C ASP A 136 -4.90 9.06 19.02
N GLU A 137 -4.79 8.31 17.92
CA GLU A 137 -4.01 8.84 16.80
C GLU A 137 -4.96 9.46 15.77
N HIS A 138 -4.46 10.04 14.69
CA HIS A 138 -5.31 10.66 13.69
C HIS A 138 -4.78 10.36 12.30
N ILE A 139 -5.48 10.87 11.29
CA ILE A 139 -5.12 10.61 9.90
C ILE A 139 -4.56 11.84 9.20
N GLU A 140 -3.42 11.69 8.52
CA GLU A 140 -2.95 12.80 7.70
C GLU A 140 -3.51 12.54 6.30
N VAL A 141 -4.50 13.32 5.90
CA VAL A 141 -5.28 12.99 4.70
C VAL A 141 -4.49 13.10 3.41
N PRO A 142 -3.95 14.24 2.99
CA PRO A 142 -3.25 14.28 1.71
C PRO A 142 -2.03 13.35 1.64
N GLU A 143 -1.42 13.07 2.78
CA GLU A 143 -0.30 12.16 2.93
C GLU A 143 -0.74 10.73 2.66
N ASP A 144 -1.86 10.30 3.24
CA ASP A 144 -2.30 8.92 2.99
C ASP A 144 -2.91 8.77 1.60
N MET A 145 -3.52 9.82 1.05
CA MET A 145 -4.11 9.71 -0.29
C MET A 145 -3.03 9.62 -1.36
N THR A 146 -1.88 10.23 -1.06
CA THR A 146 -0.74 10.23 -1.97
C THR A 146 -0.07 8.87 -1.97
N ARG A 147 0.11 8.27 -0.80
CA ARG A 147 0.62 6.90 -0.73
C ARG A 147 -0.29 5.98 -1.53
N LEU A 148 -1.59 6.14 -1.33
CA LEU A 148 -2.60 5.36 -2.05
C LEU A 148 -2.45 5.51 -3.55
N THR A 149 -2.40 6.76 -4.01
CA THR A 149 -2.41 6.97 -5.46
C THR A 149 -1.09 6.59 -6.10
N LEU A 150 0.04 6.81 -5.42
CA LEU A 150 1.32 6.41 -5.99
C LEU A 150 1.41 4.89 -6.14
N ASP A 151 0.99 4.15 -5.12
CA ASP A 151 1.07 2.70 -5.22
C ASP A 151 0.09 2.15 -6.25
N THR A 152 -1.06 2.83 -6.33
CA THR A 152 -2.10 2.43 -7.25
C THR A 152 -1.64 2.60 -8.70
N ILE A 153 -0.92 3.68 -8.96
CA ILE A 153 -0.50 3.94 -10.34
C ILE A 153 0.62 2.98 -10.70
N GLY A 154 1.45 2.66 -9.69
CA GLY A 154 2.55 1.75 -9.98
C GLY A 154 2.07 0.34 -10.24
N LEU A 155 1.09 -0.09 -9.45
CA LEU A 155 0.64 -1.47 -9.58
C LEU A 155 -0.17 -1.61 -10.87
N CYS A 156 -1.22 -0.80 -11.03
CA CYS A 156 -2.01 -0.88 -12.26
C CYS A 156 -1.20 -0.60 -13.51
N GLY A 157 -0.35 0.41 -13.43
CA GLY A 157 0.45 0.80 -14.58
C GLY A 157 1.56 -0.14 -14.95
N PHE A 158 2.35 -0.65 -14.00
CA PHE A 158 3.44 -1.52 -14.45
C PHE A 158 3.76 -2.61 -13.44
N ASN A 159 2.72 -3.18 -12.86
CA ASN A 159 2.79 -4.29 -11.91
C ASN A 159 3.91 -4.16 -10.90
N TYR A 160 4.13 -2.96 -10.35
CA TYR A 160 5.21 -2.83 -9.39
C TYR A 160 4.70 -2.28 -8.05
N ARG A 161 5.05 -2.94 -6.95
CA ARG A 161 4.64 -2.53 -5.61
C ARG A 161 5.67 -1.73 -4.84
N PHE A 162 5.37 -0.44 -4.68
CA PHE A 162 6.21 0.43 -3.86
C PHE A 162 5.98 0.18 -2.37
N ASN A 163 4.89 -0.51 -2.05
CA ASN A 163 4.50 -0.79 -0.68
C ASN A 163 4.70 0.40 0.25
N SER A 164 4.15 1.54 -0.10
CA SER A 164 4.21 2.79 0.67
C SER A 164 3.61 2.65 2.06
N PHE A 165 2.58 1.80 2.21
CA PHE A 165 2.02 1.66 3.55
C PHE A 165 2.85 0.77 4.46
N TYR A 166 4.02 0.28 4.03
CA TYR A 166 4.87 -0.53 4.91
C TYR A 166 6.14 0.23 5.30
N ARG A 167 6.13 1.55 5.12
CA ARG A 167 7.34 2.31 5.43
C ARG A 167 7.07 3.73 5.94
N ASP A 168 8.01 4.24 6.72
CA ASP A 168 8.15 5.61 7.16
C ASP A 168 8.73 6.46 6.03
N GLN A 169 9.80 5.88 5.49
CA GLN A 169 10.46 6.48 4.35
C GLN A 169 10.00 5.74 3.09
N PRO A 170 9.55 6.53 2.12
CA PRO A 170 9.03 5.98 0.89
C PRO A 170 10.07 5.16 0.14
N HIS A 171 9.60 4.31 -0.75
CA HIS A 171 10.46 3.62 -1.71
C HIS A 171 11.44 4.62 -2.34
N PRO A 172 12.70 4.22 -2.52
CA PRO A 172 13.71 5.10 -3.13
C PRO A 172 13.28 5.78 -4.41
N PHE A 173 12.53 5.13 -5.29
CA PHE A 173 12.02 5.84 -6.47
C PHE A 173 11.19 7.05 -6.05
N ILE A 174 10.19 6.80 -5.20
CA ILE A 174 9.25 7.83 -4.80
C ILE A 174 9.96 9.01 -4.17
N THR A 175 10.88 8.73 -3.25
CA THR A 175 11.67 9.75 -2.59
C THR A 175 12.33 10.67 -3.61
N SER A 176 12.92 10.08 -4.65
CA SER A 176 13.62 10.80 -5.69
C SER A 176 12.67 11.57 -6.61
N MET A 177 11.50 10.98 -6.89
CA MET A 177 10.56 11.67 -7.75
C MET A 177 9.99 12.90 -7.05
N VAL A 178 9.57 12.68 -5.81
CA VAL A 178 8.98 13.78 -5.06
C VAL A 178 9.99 14.90 -4.87
N ARG A 179 11.26 14.53 -4.69
CA ARG A 179 12.33 15.51 -4.49
C ARG A 179 12.69 16.25 -5.76
N ALA A 180 12.75 15.53 -6.88
CA ALA A 180 13.05 16.19 -8.14
C ALA A 180 11.93 17.13 -8.56
N LEU A 181 10.69 16.79 -8.20
CA LEU A 181 9.58 17.67 -8.59
C LEU A 181 9.59 18.89 -7.67
N ASP A 182 9.94 18.65 -6.40
CA ASP A 182 10.01 19.78 -5.49
C ASP A 182 11.15 20.69 -5.91
N GLU A 183 12.25 20.09 -6.35
CA GLU A 183 13.39 20.87 -6.86
C GLU A 183 12.95 21.71 -8.05
N ALA A 184 12.19 21.12 -8.97
CA ALA A 184 11.77 21.83 -10.19
C ALA A 184 10.86 23.01 -9.87
N MET A 185 9.93 22.83 -8.94
CA MET A 185 9.07 23.90 -8.47
C MET A 185 9.89 25.02 -7.80
N ASN A 186 10.92 24.63 -7.04
CA ASN A 186 11.70 25.58 -6.29
C ASN A 186 12.51 26.49 -7.20
N LYS A 187 12.98 25.95 -8.31
CA LYS A 187 13.76 26.68 -9.29
C LYS A 187 13.02 27.93 -9.78
N LEU A 188 11.69 27.86 -9.75
CA LEU A 188 10.79 28.90 -10.23
C LEU A 188 10.84 30.14 -9.34
N GLN A 189 11.35 29.96 -8.13
CA GLN A 189 11.40 31.06 -7.18
C GLN A 189 12.83 31.32 -6.72
N ARG A 190 13.79 30.75 -7.43
CA ARG A 190 15.20 30.97 -7.10
C ARG A 190 15.72 32.25 -7.73
N ALA A 191 15.96 33.27 -6.93
CA ALA A 191 16.45 34.55 -7.43
C ALA A 191 17.80 34.38 -8.11
N ASN A 192 18.55 33.42 -7.56
CA ASN A 192 19.94 33.16 -7.88
C ASN A 192 20.23 31.66 -7.90
N PRO A 193 19.87 31.02 -9.00
CA PRO A 193 20.06 29.57 -9.16
C PRO A 193 21.52 29.13 -9.05
N ASP A 194 22.42 29.99 -9.49
CA ASP A 194 23.84 29.63 -9.58
C ASP A 194 24.59 29.94 -8.28
N ASP A 195 23.84 30.37 -7.28
CA ASP A 195 24.50 30.53 -5.97
C ASP A 195 25.00 29.16 -5.53
N PRO A 196 26.20 29.13 -4.96
CA PRO A 196 26.85 27.91 -4.49
C PRO A 196 26.01 27.07 -3.54
N ALA A 197 24.98 27.67 -2.94
CA ALA A 197 24.10 26.92 -2.05
C ALA A 197 23.22 25.96 -2.86
N TYR A 198 23.08 26.25 -4.15
CA TYR A 198 22.23 25.41 -4.99
C TYR A 198 23.05 24.30 -5.62
N ASP A 199 24.29 24.18 -5.15
CA ASP A 199 25.16 23.17 -5.75
C ASP A 199 24.73 21.76 -5.36
N GLU A 200 24.45 21.55 -4.07
CA GLU A 200 24.02 20.24 -3.60
C GLU A 200 22.69 19.84 -4.24
N ASN A 201 21.83 20.82 -4.48
CA ASN A 201 20.56 20.66 -5.16
C ASN A 201 20.73 20.12 -6.59
N LYS A 202 21.62 20.76 -7.34
CA LYS A 202 21.96 20.38 -8.70
C LYS A 202 22.50 18.96 -8.76
N ARG A 203 23.46 18.63 -7.87
CA ARG A 203 23.92 17.24 -7.96
C ARG A 203 22.88 16.30 -7.36
N GLN A 204 22.10 16.77 -6.38
CA GLN A 204 21.09 15.83 -5.87
C GLN A 204 20.07 15.52 -6.99
N PHE A 205 19.83 16.52 -7.82
CA PHE A 205 18.84 16.47 -8.91
C PHE A 205 19.23 15.39 -9.91
N GLN A 206 20.49 15.40 -10.33
CA GLN A 206 21.04 14.37 -11.21
C GLN A 206 20.99 12.97 -10.62
N GLU A 207 21.18 12.84 -9.31
CA GLU A 207 21.10 11.55 -8.61
C GLU A 207 19.67 11.01 -8.61
N ASP A 208 18.71 11.91 -8.39
CA ASP A 208 17.32 11.48 -8.36
C ASP A 208 16.87 11.02 -9.74
N ILE A 209 17.30 11.74 -10.76
CA ILE A 209 17.06 11.38 -12.15
C ILE A 209 17.61 10.00 -12.49
N LYS A 210 18.81 9.72 -11.98
CA LYS A 210 19.45 8.43 -12.18
C LYS A 210 18.74 7.32 -11.44
N VAL A 211 18.23 7.57 -10.22
CA VAL A 211 17.49 6.49 -9.57
C VAL A 211 16.16 6.26 -10.28
N MET A 212 15.54 7.32 -10.78
CA MET A 212 14.27 7.15 -11.49
C MET A 212 14.47 6.37 -12.79
N ASN A 213 15.39 6.83 -13.62
CA ASN A 213 15.71 6.18 -14.89
C ASN A 213 16.14 4.73 -14.75
N ASP A 214 17.04 4.51 -13.78
CA ASP A 214 17.56 3.16 -13.59
C ASP A 214 16.44 2.22 -13.19
N LEU A 215 15.62 2.56 -12.20
CA LEU A 215 14.61 1.58 -11.81
C LEU A 215 13.62 1.33 -12.94
N VAL A 216 13.20 2.42 -13.61
CA VAL A 216 12.12 2.19 -14.58
C VAL A 216 12.67 1.49 -15.80
N ASP A 217 13.89 1.84 -16.18
CA ASP A 217 14.51 1.14 -17.30
C ASP A 217 14.61 -0.35 -17.05
N LYS A 218 15.07 -0.69 -15.84
CA LYS A 218 15.21 -2.09 -15.47
C LYS A 218 13.86 -2.79 -15.52
N ILE A 219 12.83 -2.13 -14.99
CA ILE A 219 11.52 -2.77 -15.07
C ILE A 219 11.14 -2.98 -16.53
N ILE A 220 11.33 -1.99 -17.41
CA ILE A 220 10.96 -2.18 -18.82
C ILE A 220 11.70 -3.35 -19.45
N ALA A 221 13.01 -3.42 -19.25
CA ALA A 221 13.87 -4.45 -19.80
C ALA A 221 13.51 -5.85 -19.31
N ASP A 222 13.20 -5.99 -18.03
CA ASP A 222 12.77 -7.25 -17.42
C ASP A 222 11.45 -7.73 -18.03
N ARG A 223 10.60 -6.77 -18.37
CA ARG A 223 9.30 -7.11 -18.94
C ARG A 223 9.41 -7.54 -20.39
N LYS A 224 10.27 -6.83 -21.14
CA LYS A 224 10.47 -7.22 -22.54
C LYS A 224 10.97 -8.67 -22.58
N ALA A 225 11.95 -8.91 -21.71
CA ALA A 225 12.52 -10.24 -21.52
C ALA A 225 11.46 -11.20 -20.99
N SER A 226 10.76 -10.76 -19.94
CA SER A 226 9.68 -11.52 -19.35
C SER A 226 8.59 -11.87 -20.35
N GLY A 227 8.50 -11.13 -21.46
CA GLY A 227 7.47 -11.39 -22.45
C GLY A 227 6.10 -10.86 -22.02
N GLU A 228 6.09 -10.00 -21.03
CA GLU A 228 4.93 -9.32 -20.48
C GLU A 228 3.66 -10.14 -20.53
N GLN A 229 3.56 -11.13 -19.66
CA GLN A 229 2.35 -11.95 -19.60
C GLN A 229 1.26 -11.27 -18.76
N SER A 230 1.22 -9.95 -18.81
CA SER A 230 0.31 -9.04 -18.15
C SER A 230 -0.55 -8.29 -19.17
N ASP A 231 -1.35 -7.32 -18.68
CA ASP A 231 -2.17 -6.53 -19.58
C ASP A 231 -2.41 -5.12 -19.02
N ASP A 232 -1.30 -4.48 -18.70
CA ASP A 232 -1.24 -3.17 -18.05
C ASP A 232 -0.68 -2.12 -19.00
N LEU A 233 -0.54 -0.88 -18.56
CA LEU A 233 -0.06 0.17 -19.46
C LEU A 233 1.29 -0.18 -20.09
N LEU A 234 2.16 -0.82 -19.33
CA LEU A 234 3.50 -1.12 -19.85
C LEU A 234 3.41 -2.13 -20.98
N THR A 235 2.53 -3.11 -20.83
CA THR A 235 2.20 -4.09 -21.84
C THR A 235 1.76 -3.39 -23.13
N HIS A 236 0.79 -2.48 -23.00
CA HIS A 236 0.27 -1.76 -24.15
C HIS A 236 1.33 -0.90 -24.82
N MET A 237 2.24 -0.33 -24.05
CA MET A 237 3.27 0.54 -24.61
C MET A 237 4.37 -0.24 -25.32
N LEU A 238 4.66 -1.45 -24.83
CA LEU A 238 5.70 -2.23 -25.49
C LEU A 238 5.17 -2.84 -26.79
N ASN A 239 3.91 -3.24 -26.81
CA ASN A 239 3.20 -3.90 -27.89
C ASN A 239 2.46 -2.95 -28.82
N GLY A 240 2.21 -1.72 -28.38
CA GLY A 240 1.47 -0.77 -29.20
C GLY A 240 2.19 -0.34 -30.46
N LYS A 241 1.41 -0.11 -31.51
CA LYS A 241 1.93 0.37 -32.78
C LYS A 241 1.22 1.66 -33.19
N ASP A 242 1.97 2.73 -33.41
CA ASP A 242 1.37 3.95 -33.95
C ASP A 242 1.03 3.72 -35.42
N PRO A 243 -0.25 3.79 -35.76
CA PRO A 243 -0.67 3.50 -37.15
C PRO A 243 0.00 4.43 -38.15
N GLU A 244 -0.01 5.72 -37.83
CA GLU A 244 0.51 6.80 -38.65
C GLU A 244 1.94 6.52 -39.12
N THR A 245 2.80 6.12 -38.19
CA THR A 245 4.20 5.89 -38.48
C THR A 245 4.53 4.40 -38.52
N GLY A 246 3.61 3.59 -38.04
CA GLY A 246 3.75 2.15 -37.94
C GLY A 246 4.72 1.70 -36.86
N GLU A 247 5.31 2.64 -36.12
CA GLU A 247 6.34 2.22 -35.15
C GLU A 247 5.84 2.33 -33.71
N PRO A 248 6.37 1.50 -32.82
CA PRO A 248 5.98 1.59 -31.42
C PRO A 248 6.84 2.64 -30.71
N LEU A 249 6.51 2.83 -29.43
CA LEU A 249 7.30 3.75 -28.62
C LEU A 249 8.64 3.11 -28.30
N ASP A 250 9.72 3.89 -28.27
CA ASP A 250 10.99 3.26 -27.86
C ASP A 250 11.08 3.21 -26.33
N ASP A 251 11.96 2.35 -25.84
CA ASP A 251 12.19 2.09 -24.44
C ASP A 251 12.41 3.36 -23.61
N GLU A 252 13.04 4.36 -24.23
CA GLU A 252 13.34 5.55 -23.46
C GLU A 252 12.06 6.36 -23.24
N ASN A 253 11.30 6.56 -24.32
CA ASN A 253 10.06 7.32 -24.22
C ASN A 253 9.08 6.60 -23.31
N ILE A 254 9.07 5.27 -23.42
CA ILE A 254 8.22 4.45 -22.56
C ILE A 254 8.52 4.71 -21.09
N ARG A 255 9.81 4.84 -20.77
CA ARG A 255 10.19 5.16 -19.40
C ARG A 255 9.71 6.56 -19.04
N TYR A 256 9.90 7.53 -19.94
CA TYR A 256 9.37 8.87 -19.66
C TYR A 256 7.86 8.87 -19.52
N GLN A 257 7.14 7.95 -20.14
CA GLN A 257 5.67 7.93 -19.99
C GLN A 257 5.30 7.40 -18.62
N ILE A 258 6.07 6.39 -18.17
CA ILE A 258 5.83 5.82 -16.85
C ILE A 258 6.13 6.87 -15.78
N ILE A 259 7.22 7.61 -15.92
CA ILE A 259 7.54 8.66 -14.93
C ILE A 259 6.42 9.70 -14.93
N THR A 260 5.94 10.01 -16.14
CA THR A 260 4.89 11.00 -16.35
C THR A 260 3.59 10.59 -15.66
N PHE A 261 3.12 9.35 -15.78
CA PHE A 261 1.89 8.91 -15.11
C PHE A 261 1.96 9.10 -13.60
N LEU A 262 3.10 8.77 -13.01
CA LEU A 262 3.20 8.98 -11.56
C LEU A 262 3.15 10.46 -11.20
N ILE A 263 3.84 11.33 -11.93
CA ILE A 263 3.85 12.75 -11.54
C ILE A 263 2.57 13.47 -11.96
N ALA A 264 2.02 13.15 -13.14
CA ALA A 264 0.76 13.78 -13.55
C ALA A 264 -0.38 13.36 -12.64
N GLY A 265 -0.30 12.16 -12.10
CA GLY A 265 -1.38 11.57 -11.37
C GLY A 265 -1.30 11.43 -9.89
N HIS A 266 -0.14 11.62 -9.23
CA HIS A 266 -0.20 11.31 -7.79
C HIS A 266 -0.80 12.43 -6.97
N GLU A 267 -0.49 13.72 -7.15
CA GLU A 267 -1.04 14.71 -6.22
C GLU A 267 -2.32 15.36 -6.74
N THR A 268 -2.62 15.15 -8.02
CA THR A 268 -3.90 15.63 -8.56
C THR A 268 -5.03 14.82 -7.95
N THR A 269 -4.88 13.50 -7.99
CA THR A 269 -5.89 12.57 -7.49
C THR A 269 -5.89 12.62 -5.96
N SER A 270 -4.67 12.70 -5.43
CA SER A 270 -4.49 12.84 -4.00
C SER A 270 -5.35 13.99 -3.46
N GLY A 271 -5.17 15.13 -4.10
CA GLY A 271 -5.81 16.35 -3.66
C GLY A 271 -7.33 16.30 -3.79
N LEU A 272 -7.80 15.65 -4.85
CA LEU A 272 -9.23 15.51 -5.10
C LEU A 272 -9.86 14.77 -3.92
N LEU A 273 -9.28 13.61 -3.60
CA LEU A 273 -9.85 12.83 -2.51
C LEU A 273 -9.74 13.62 -1.21
N SER A 274 -8.65 14.36 -1.01
CA SER A 274 -8.55 15.14 0.23
C SER A 274 -9.49 16.33 0.27
N PHE A 275 -9.67 17.08 -0.83
CA PHE A 275 -10.61 18.20 -0.77
C PHE A 275 -12.03 17.67 -0.56
N ALA A 276 -12.30 16.53 -1.19
CA ALA A 276 -13.58 15.86 -1.10
C ALA A 276 -13.91 15.53 0.34
N LEU A 277 -12.93 14.91 1.03
CA LEU A 277 -13.19 14.58 2.43
C LEU A 277 -13.31 15.86 3.26
N TYR A 278 -12.54 16.89 2.92
CA TYR A 278 -12.66 18.18 3.59
C TYR A 278 -14.10 18.70 3.54
N PHE A 279 -14.67 18.79 2.34
CA PHE A 279 -16.02 19.34 2.21
C PHE A 279 -17.07 18.47 2.87
N LEU A 280 -16.81 17.16 2.93
CA LEU A 280 -17.77 16.24 3.53
C LEU A 280 -17.87 16.45 5.04
N VAL A 281 -16.74 16.61 5.73
CA VAL A 281 -16.74 16.79 7.17
C VAL A 281 -17.10 18.23 7.53
N LYS A 282 -17.02 19.14 6.56
CA LYS A 282 -17.43 20.53 6.78
C LYS A 282 -18.94 20.66 6.53
N ASN A 283 -19.46 19.67 5.83
CA ASN A 283 -20.84 19.54 5.37
C ASN A 283 -21.37 18.13 5.67
N PRO A 284 -21.60 17.94 6.96
CA PRO A 284 -21.98 16.66 7.55
C PRO A 284 -23.26 16.05 6.98
N HIS A 285 -24.22 16.88 6.59
CA HIS A 285 -25.43 16.32 5.99
C HIS A 285 -25.10 15.79 4.60
N VAL A 286 -24.08 16.37 3.98
CA VAL A 286 -23.69 15.85 2.67
C VAL A 286 -22.98 14.51 2.88
N LEU A 287 -22.09 14.49 3.86
CA LEU A 287 -21.41 13.25 4.25
C LEU A 287 -22.42 12.14 4.46
N GLN A 288 -23.44 12.45 5.27
CA GLN A 288 -24.44 11.44 5.62
C GLN A 288 -25.10 10.83 4.40
N LYS A 289 -25.32 11.70 3.41
CA LYS A 289 -26.01 11.27 2.19
C LYS A 289 -25.13 10.39 1.32
N ALA A 290 -23.84 10.67 1.23
CA ALA A 290 -22.87 9.86 0.49
C ALA A 290 -22.61 8.53 1.20
N ALA A 291 -22.52 8.60 2.52
CA ALA A 291 -22.35 7.40 3.34
C ALA A 291 -23.55 6.47 3.17
N GLU A 292 -24.75 7.05 3.17
CA GLU A 292 -25.93 6.22 2.93
C GLU A 292 -25.88 5.58 1.56
N GLU A 293 -25.32 6.26 0.56
CA GLU A 293 -25.29 5.59 -0.73
C GLU A 293 -24.18 4.55 -0.79
N ALA A 294 -23.08 4.84 -0.10
CA ALA A 294 -21.99 3.85 -0.11
C ALA A 294 -22.47 2.59 0.61
N ALA A 295 -23.23 2.78 1.69
CA ALA A 295 -23.78 1.65 2.43
C ALA A 295 -24.81 0.84 1.64
N ARG A 296 -25.56 1.46 0.74
CA ARG A 296 -26.57 0.75 -0.02
C ARG A 296 -25.96 -0.01 -1.19
N VAL A 297 -24.95 0.61 -1.79
CA VAL A 297 -24.39 0.09 -3.03
C VAL A 297 -23.27 -0.90 -2.80
N LEU A 298 -22.43 -0.67 -1.80
CA LEU A 298 -21.26 -1.54 -1.64
C LEU A 298 -21.65 -2.70 -0.75
N VAL A 299 -22.18 -3.78 -1.35
CA VAL A 299 -22.77 -4.79 -0.48
C VAL A 299 -21.89 -6.03 -0.33
N ASP A 300 -20.79 -6.07 -1.06
CA ASP A 300 -19.84 -7.16 -0.92
C ASP A 300 -18.61 -6.69 -0.16
N PRO A 301 -17.83 -7.61 0.38
CA PRO A 301 -16.64 -7.24 1.16
C PRO A 301 -15.73 -6.29 0.39
N VAL A 302 -15.66 -6.48 -0.92
CA VAL A 302 -14.92 -5.54 -1.77
C VAL A 302 -15.76 -5.16 -2.99
N PRO A 303 -15.68 -3.87 -3.33
CA PRO A 303 -16.43 -3.31 -4.44
C PRO A 303 -16.12 -3.99 -5.75
N SER A 304 -17.15 -4.19 -6.58
CA SER A 304 -16.92 -4.62 -7.96
C SER A 304 -16.89 -3.40 -8.86
N TYR A 305 -16.49 -3.59 -10.11
CA TYR A 305 -16.44 -2.44 -11.02
C TYR A 305 -17.84 -1.85 -11.18
N LYS A 306 -18.85 -2.68 -11.37
CA LYS A 306 -20.22 -2.22 -11.58
C LYS A 306 -20.74 -1.42 -10.39
N GLN A 307 -20.36 -1.82 -9.18
CA GLN A 307 -20.81 -1.10 -7.99
C GLN A 307 -20.19 0.29 -7.88
N VAL A 308 -18.93 0.43 -8.29
CA VAL A 308 -18.30 1.75 -8.27
C VAL A 308 -19.02 2.65 -9.26
N LYS A 309 -19.47 2.08 -10.37
CA LYS A 309 -20.17 2.93 -11.33
C LYS A 309 -21.54 3.31 -10.81
N GLN A 310 -22.04 2.62 -9.78
CA GLN A 310 -23.34 3.00 -9.22
C GLN A 310 -23.18 4.04 -8.11
N LEU A 311 -21.95 4.46 -7.83
CA LEU A 311 -21.80 5.43 -6.74
C LEU A 311 -22.03 6.84 -7.26
N LYS A 312 -23.26 7.11 -7.67
CA LYS A 312 -23.63 8.34 -8.35
C LYS A 312 -23.44 9.58 -7.49
N TYR A 313 -23.97 9.58 -6.28
CA TYR A 313 -23.78 10.73 -5.41
C TYR A 313 -22.32 10.95 -5.02
N VAL A 314 -21.59 9.87 -4.76
CA VAL A 314 -20.16 9.97 -4.48
C VAL A 314 -19.45 10.72 -5.62
N GLY A 315 -19.87 10.41 -6.84
CA GLY A 315 -19.42 11.01 -8.07
C GLY A 315 -19.72 12.51 -8.12
N MET A 316 -20.91 12.88 -7.68
CA MET A 316 -21.34 14.26 -7.61
C MET A 316 -20.52 15.04 -6.60
N VAL A 317 -20.35 14.45 -5.42
CA VAL A 317 -19.43 14.98 -4.44
C VAL A 317 -18.07 15.23 -5.09
N LEU A 318 -17.56 14.29 -5.89
CA LEU A 318 -16.20 14.48 -6.41
C LEU A 318 -16.19 15.59 -7.46
N ASN A 319 -17.24 15.71 -8.27
CA ASN A 319 -17.23 16.76 -9.28
C ASN A 319 -17.34 18.13 -8.62
N GLU A 320 -18.10 18.18 -7.54
CA GLU A 320 -18.29 19.46 -6.85
C GLU A 320 -17.02 19.85 -6.10
N ALA A 321 -16.22 18.89 -5.65
CA ALA A 321 -14.94 19.32 -5.05
C ALA A 321 -13.97 19.80 -6.13
N LEU A 322 -13.97 19.19 -7.31
CA LEU A 322 -13.22 19.58 -8.48
C LEU A 322 -13.75 20.90 -9.06
N ARG A 323 -15.03 21.19 -8.84
CA ARG A 323 -15.51 22.51 -9.25
C ARG A 323 -14.84 23.58 -8.39
N LEU A 324 -14.87 23.39 -7.09
CA LEU A 324 -14.35 24.45 -6.21
C LEU A 324 -12.83 24.49 -6.22
N TRP A 325 -12.18 23.34 -6.15
CA TRP A 325 -10.72 23.40 -6.06
C TRP A 325 -10.08 22.36 -6.95
N PRO A 326 -10.20 22.57 -8.26
CA PRO A 326 -9.67 21.57 -9.21
C PRO A 326 -8.17 21.46 -8.98
N THR A 327 -7.64 20.26 -8.82
CA THR A 327 -6.28 20.14 -8.26
C THR A 327 -5.13 20.40 -9.21
N ALA A 328 -5.35 20.55 -10.50
CA ALA A 328 -4.48 21.09 -11.52
C ALA A 328 -5.12 22.38 -12.03
N PRO A 329 -4.98 23.46 -11.28
CA PRO A 329 -5.91 24.58 -11.38
C PRO A 329 -5.69 25.51 -12.55
N ALA A 330 -4.62 25.35 -13.32
CA ALA A 330 -4.42 26.28 -14.42
C ALA A 330 -3.78 25.53 -15.59
N PHE A 331 -4.12 25.93 -16.81
CA PHE A 331 -3.36 25.38 -17.94
C PHE A 331 -3.12 26.53 -18.91
N SER A 332 -2.09 26.39 -19.72
CA SER A 332 -1.62 27.46 -20.58
C SER A 332 -1.81 27.12 -22.05
N LEU A 333 -2.01 28.15 -22.85
CA LEU A 333 -2.31 28.10 -24.27
C LEU A 333 -1.52 29.17 -25.01
N TYR A 334 -1.28 28.98 -26.31
CA TYR A 334 -0.67 30.06 -27.09
C TYR A 334 -1.43 30.25 -28.38
N ALA A 335 -1.44 31.50 -28.85
CA ALA A 335 -2.18 31.79 -30.09
C ALA A 335 -1.38 31.23 -31.26
N LYS A 336 -1.99 30.42 -32.12
CA LYS A 336 -1.18 29.81 -33.17
C LYS A 336 -0.83 30.83 -34.26
N GLU A 337 -1.70 31.81 -34.42
CA GLU A 337 -1.58 32.89 -35.38
C GLU A 337 -2.12 34.17 -34.75
N ASP A 338 -1.75 35.34 -35.24
CA ASP A 338 -2.39 36.55 -34.71
C ASP A 338 -3.90 36.42 -34.82
N THR A 339 -4.62 36.84 -33.78
CA THR A 339 -6.07 36.68 -33.79
C THR A 339 -6.74 37.70 -32.86
N VAL A 340 -8.06 37.68 -32.79
CA VAL A 340 -8.84 38.49 -31.87
C VAL A 340 -9.69 37.60 -30.95
N LEU A 341 -9.76 37.99 -29.69
CA LEU A 341 -10.49 37.33 -28.61
C LEU A 341 -11.68 38.17 -28.17
N GLY A 342 -12.85 37.54 -28.10
CA GLY A 342 -14.09 38.18 -27.67
C GLY A 342 -14.45 39.33 -28.60
N GLY A 343 -13.90 39.33 -29.81
CA GLY A 343 -14.10 40.36 -30.80
C GLY A 343 -13.51 41.70 -30.38
N GLU A 344 -12.64 41.68 -29.36
CA GLU A 344 -12.19 42.91 -28.75
C GLU A 344 -10.71 42.95 -28.43
N TYR A 345 -10.09 41.81 -28.19
CA TYR A 345 -8.73 41.74 -27.67
C TYR A 345 -7.73 41.13 -28.65
N PRO A 346 -6.93 41.99 -29.27
CA PRO A 346 -5.93 41.53 -30.23
C PRO A 346 -4.81 40.74 -29.56
N LEU A 347 -4.42 39.65 -30.20
CA LEU A 347 -3.34 38.79 -29.78
C LEU A 347 -2.35 38.61 -30.93
N GLU A 348 -1.08 38.49 -30.60
CA GLU A 348 -0.11 38.15 -31.63
C GLU A 348 0.21 36.66 -31.54
N LYS A 349 0.65 36.12 -32.66
CA LYS A 349 1.15 34.75 -32.72
C LYS A 349 2.10 34.52 -31.54
N GLY A 350 1.89 33.43 -30.82
CA GLY A 350 2.69 33.03 -29.69
C GLY A 350 2.31 33.65 -28.38
N ASP A 351 1.32 34.54 -28.34
CA ASP A 351 0.95 35.12 -27.04
C ASP A 351 0.30 34.07 -26.14
N GLU A 352 0.59 34.13 -24.84
CA GLU A 352 0.17 33.18 -23.84
C GLU A 352 -1.17 33.54 -23.19
N LEU A 353 -2.01 32.52 -23.07
CA LEU A 353 -3.29 32.62 -22.37
C LEU A 353 -3.28 31.62 -21.22
N MET A 354 -3.53 32.12 -20.01
CA MET A 354 -3.63 31.17 -18.91
C MET A 354 -5.07 31.05 -18.44
N VAL A 355 -5.58 29.82 -18.45
CA VAL A 355 -6.94 29.54 -17.99
C VAL A 355 -6.94 29.28 -16.49
N LEU A 356 -7.67 30.09 -15.75
CA LEU A 356 -7.84 29.91 -14.31
C LEU A 356 -9.12 29.09 -14.05
N ILE A 357 -8.92 27.78 -13.98
CA ILE A 357 -10.04 26.85 -13.84
C ILE A 357 -10.87 27.14 -12.61
N PRO A 358 -10.37 27.43 -11.41
CA PRO A 358 -11.29 27.64 -10.29
C PRO A 358 -12.15 28.89 -10.45
N GLN A 359 -11.66 29.87 -11.21
CA GLN A 359 -12.42 31.06 -11.57
C GLN A 359 -13.53 30.69 -12.55
N LEU A 360 -13.20 29.97 -13.63
CA LEU A 360 -14.18 29.47 -14.58
C LEU A 360 -15.31 28.80 -13.83
N HIS A 361 -14.92 28.01 -12.84
CA HIS A 361 -15.87 27.22 -12.07
C HIS A 361 -16.72 28.06 -11.14
N ARG A 362 -16.46 29.36 -11.13
CA ARG A 362 -17.21 30.26 -10.25
C ARG A 362 -17.98 31.28 -11.08
N ASP A 363 -17.99 31.10 -12.40
CA ASP A 363 -18.69 32.03 -13.30
C ASP A 363 -20.15 32.06 -12.94
N LYS A 364 -20.61 33.16 -12.34
CA LYS A 364 -21.99 33.19 -11.86
C LYS A 364 -23.00 33.14 -12.99
N THR A 365 -22.63 33.59 -14.18
CA THR A 365 -23.56 33.53 -15.30
C THR A 365 -23.82 32.09 -15.73
N ILE A 366 -22.98 31.18 -15.25
CA ILE A 366 -23.19 29.78 -15.60
C ILE A 366 -23.79 29.02 -14.41
N TRP A 367 -23.14 29.08 -13.26
CA TRP A 367 -23.40 28.24 -12.10
C TRP A 367 -24.44 28.81 -11.16
N GLY A 368 -24.77 30.09 -11.30
CA GLY A 368 -25.64 30.74 -10.33
C GLY A 368 -24.82 31.57 -9.36
N ASP A 369 -25.44 32.15 -8.36
CA ASP A 369 -24.77 33.08 -7.46
C ASP A 369 -24.01 32.40 -6.33
N ASP A 370 -24.37 31.15 -6.08
CA ASP A 370 -23.98 30.36 -4.92
C ASP A 370 -22.69 29.57 -5.16
N VAL A 371 -21.95 29.99 -6.17
CA VAL A 371 -20.72 29.35 -6.60
C VAL A 371 -19.81 28.91 -5.46
N GLU A 372 -19.79 29.60 -4.32
CA GLU A 372 -18.82 29.25 -3.29
C GLU A 372 -19.34 28.17 -2.35
N GLU A 373 -20.57 27.72 -2.61
CA GLU A 373 -21.21 26.71 -1.78
C GLU A 373 -20.95 25.29 -2.26
N PHE A 374 -20.62 24.43 -1.29
CA PHE A 374 -20.48 23.02 -1.58
C PHE A 374 -21.86 22.39 -1.79
N ARG A 375 -22.24 22.19 -3.05
CA ARG A 375 -23.54 21.60 -3.33
C ARG A 375 -23.46 20.57 -4.46
N PRO A 376 -23.12 19.33 -4.11
CA PRO A 376 -23.06 18.21 -5.06
C PRO A 376 -24.26 18.07 -6.00
N GLU A 377 -25.43 18.49 -5.54
CA GLU A 377 -26.65 18.38 -6.32
C GLU A 377 -26.59 19.13 -7.64
N ARG A 378 -25.62 20.02 -7.84
CA ARG A 378 -25.43 20.72 -9.10
C ARG A 378 -25.31 19.77 -10.29
N PHE A 379 -24.78 18.59 -10.04
CA PHE A 379 -24.37 17.65 -11.07
C PHE A 379 -25.34 16.48 -11.19
N GLU A 380 -26.53 16.66 -10.64
CA GLU A 380 -27.58 15.65 -10.69
C GLU A 380 -28.14 15.51 -12.10
N ASN A 381 -27.99 16.58 -12.85
CA ASN A 381 -28.41 16.73 -14.23
C ASN A 381 -27.25 17.19 -15.11
N PRO A 382 -26.58 16.22 -15.71
CA PRO A 382 -25.44 16.49 -16.59
C PRO A 382 -25.82 17.33 -17.80
N SER A 383 -26.98 17.11 -18.40
CA SER A 383 -27.37 17.90 -19.56
C SER A 383 -27.53 19.38 -19.21
N ALA A 384 -27.68 19.67 -17.93
CA ALA A 384 -27.85 21.01 -17.40
C ALA A 384 -26.54 21.80 -17.42
N ILE A 385 -25.41 21.13 -17.63
CA ILE A 385 -24.13 21.83 -17.64
C ILE A 385 -23.66 22.02 -19.07
N PRO A 386 -23.44 23.27 -19.47
CA PRO A 386 -23.04 23.58 -20.84
C PRO A 386 -21.62 23.17 -21.15
N GLN A 387 -21.25 23.16 -22.44
CA GLN A 387 -19.86 22.80 -22.74
C GLN A 387 -18.91 23.92 -22.32
N HIS A 388 -17.79 23.51 -21.75
CA HIS A 388 -16.71 24.41 -21.37
C HIS A 388 -16.99 25.13 -20.06
N ALA A 389 -18.07 24.81 -19.37
CA ALA A 389 -18.36 25.35 -18.05
C ALA A 389 -17.53 24.67 -16.95
N PHE A 390 -17.16 23.42 -17.19
CA PHE A 390 -16.49 22.60 -16.18
C PHE A 390 -15.29 21.92 -16.82
N LYS A 391 -14.08 22.38 -16.53
CA LYS A 391 -12.93 21.75 -17.18
C LYS A 391 -11.81 21.38 -16.22
N PRO A 392 -12.05 20.62 -15.17
CA PRO A 392 -11.00 20.18 -14.27
C PRO A 392 -9.93 19.32 -14.92
N PHE A 393 -10.21 18.78 -16.11
CA PHE A 393 -9.24 17.91 -16.77
C PHE A 393 -8.70 18.52 -18.07
N GLY A 394 -8.76 19.84 -18.17
CA GLY A 394 -8.16 20.56 -19.27
C GLY A 394 -8.95 20.49 -20.56
N ASN A 395 -8.32 20.56 -21.73
CA ASN A 395 -9.08 20.72 -22.96
C ASN A 395 -8.54 19.98 -24.18
N GLY A 396 -9.46 19.45 -24.98
CA GLY A 396 -9.16 18.92 -26.28
C GLY A 396 -8.21 17.75 -26.34
N GLN A 397 -7.41 17.70 -27.40
CA GLN A 397 -6.51 16.55 -27.50
C GLN A 397 -5.48 16.57 -26.37
N ARG A 398 -5.26 17.77 -25.81
CA ARG A 398 -4.31 17.91 -24.71
C ARG A 398 -5.02 17.80 -23.36
N ALA A 399 -6.24 17.27 -23.32
CA ALA A 399 -6.90 17.09 -22.02
C ALA A 399 -6.27 15.90 -21.29
N CYS A 400 -6.60 15.74 -20.01
CA CYS A 400 -5.93 14.74 -19.20
C CYS A 400 -6.23 13.32 -19.65
N ILE A 401 -5.22 12.58 -20.11
CA ILE A 401 -5.46 11.21 -20.56
C ILE A 401 -5.83 10.30 -19.40
N GLY A 402 -5.50 10.74 -18.18
CA GLY A 402 -5.74 9.91 -17.02
C GLY A 402 -7.08 10.16 -16.36
N GLN A 403 -7.96 10.95 -16.98
CA GLN A 403 -9.21 11.33 -16.35
C GLN A 403 -10.03 10.14 -15.89
N GLN A 404 -10.13 9.06 -16.69
CA GLN A 404 -11.00 7.97 -16.24
C GLN A 404 -10.32 7.17 -15.14
N PHE A 405 -9.02 6.97 -15.26
CA PHE A 405 -8.28 6.31 -14.18
C PHE A 405 -8.52 7.02 -12.85
N ALA A 406 -8.36 8.34 -12.84
CA ALA A 406 -8.39 9.09 -11.59
C ALA A 406 -9.78 9.07 -10.94
N LEU A 407 -10.84 9.23 -11.74
CA LEU A 407 -12.20 9.26 -11.22
C LEU A 407 -12.66 7.87 -10.78
N HIS A 408 -12.18 6.84 -11.47
CA HIS A 408 -12.45 5.47 -11.04
C HIS A 408 -11.81 5.22 -9.67
N GLU A 409 -10.52 5.55 -9.53
CA GLU A 409 -9.84 5.41 -8.25
C GLU A 409 -10.49 6.21 -7.14
N ALA A 410 -10.90 7.45 -7.45
CA ALA A 410 -11.41 8.27 -6.36
C ALA A 410 -12.81 7.85 -5.90
N THR A 411 -13.67 7.49 -6.84
CA THR A 411 -15.02 7.02 -6.52
C THR A 411 -14.94 5.73 -5.72
N LEU A 412 -14.10 4.79 -6.16
CA LEU A 412 -13.90 3.56 -5.40
C LEU A 412 -13.42 3.84 -3.99
N VAL A 413 -12.33 4.60 -3.89
CA VAL A 413 -11.71 4.80 -2.57
C VAL A 413 -12.61 5.61 -1.67
N LEU A 414 -13.20 6.69 -2.19
CA LEU A 414 -14.10 7.48 -1.34
C LEU A 414 -15.31 6.66 -0.93
N GLY A 415 -15.85 5.86 -1.86
CA GLY A 415 -16.94 4.99 -1.44
C GLY A 415 -16.55 4.04 -0.32
N MET A 416 -15.37 3.43 -0.38
CA MET A 416 -14.95 2.50 0.68
C MET A 416 -14.72 3.24 1.99
N MET A 417 -14.12 4.42 1.93
CA MET A 417 -13.91 5.24 3.13
C MET A 417 -15.22 5.52 3.86
N LEU A 418 -16.23 5.99 3.14
CA LEU A 418 -17.54 6.28 3.69
C LEU A 418 -18.29 5.03 4.14
N LYS A 419 -18.09 3.88 3.49
CA LYS A 419 -18.71 2.66 3.96
C LYS A 419 -18.13 2.20 5.28
N HIS A 420 -16.81 2.35 5.43
CA HIS A 420 -16.16 1.69 6.57
C HIS A 420 -15.95 2.55 7.79
N PHE A 421 -16.03 3.87 7.69
CA PHE A 421 -15.76 4.75 8.81
C PHE A 421 -16.69 5.95 8.88
N ASP A 422 -16.85 6.47 10.09
CA ASP A 422 -17.36 7.81 10.36
C ASP A 422 -16.16 8.72 10.52
N PHE A 423 -16.29 10.01 10.21
CA PHE A 423 -15.10 10.86 10.31
C PHE A 423 -15.32 12.06 11.23
N GLU A 424 -14.22 12.52 11.79
CA GLU A 424 -14.26 13.67 12.70
C GLU A 424 -13.21 14.72 12.34
N ASP A 425 -13.70 15.94 12.20
CA ASP A 425 -12.90 17.15 12.03
C ASP A 425 -12.41 17.59 13.40
N HIS A 426 -11.72 16.68 14.07
CA HIS A 426 -11.36 16.88 15.46
C HIS A 426 -10.56 18.14 15.70
N THR A 427 -9.93 18.79 14.72
CA THR A 427 -9.20 20.01 15.06
C THR A 427 -9.93 21.24 14.56
N ASN A 428 -11.10 21.02 13.98
CA ASN A 428 -11.81 22.10 13.28
C ASN A 428 -10.84 22.80 12.32
N TYR A 429 -10.39 22.00 11.35
CA TYR A 429 -9.33 22.37 10.42
C TYR A 429 -9.66 23.62 9.62
N GLU A 430 -8.70 24.53 9.60
CA GLU A 430 -8.86 25.75 8.81
C GLU A 430 -8.20 25.50 7.46
N LEU A 431 -9.03 25.42 6.42
CA LEU A 431 -8.55 25.25 5.06
C LEU A 431 -7.39 26.18 4.73
N ASP A 432 -6.33 25.53 4.26
CA ASP A 432 -5.09 26.17 3.87
C ASP A 432 -4.58 25.51 2.59
N ILE A 433 -4.72 26.19 1.45
CA ILE A 433 -4.41 25.59 0.16
C ILE A 433 -3.00 25.87 -0.32
N LYS A 434 -2.17 24.82 -0.18
CA LYS A 434 -0.79 24.93 -0.63
C LYS A 434 -0.74 24.78 -2.15
N GLU A 435 0.01 25.66 -2.80
CA GLU A 435 0.17 25.58 -4.25
C GLU A 435 1.58 25.16 -4.68
N THR A 436 1.66 24.12 -5.47
CA THR A 436 2.82 23.61 -6.19
C THR A 436 2.42 23.49 -7.66
N LEU A 437 2.68 22.32 -8.26
CA LEU A 437 2.07 22.10 -9.56
C LEU A 437 0.56 21.88 -9.38
N THR A 438 0.18 21.58 -8.16
CA THR A 438 -1.17 21.18 -7.81
C THR A 438 -1.70 21.89 -6.58
N LEU A 439 -2.95 21.66 -6.21
CA LEU A 439 -3.53 22.16 -4.97
C LEU A 439 -3.74 21.05 -3.94
N LYS A 440 -3.53 21.34 -2.67
CA LYS A 440 -3.81 20.37 -1.61
C LYS A 440 -4.29 21.05 -0.34
N PRO A 441 -5.23 20.50 0.41
CA PRO A 441 -5.58 21.06 1.72
C PRO A 441 -4.48 20.68 2.73
N GLU A 442 -3.46 21.53 2.76
CA GLU A 442 -2.28 21.36 3.58
C GLU A 442 -2.61 21.19 5.06
N GLY A 443 -2.14 20.08 5.64
CA GLY A 443 -2.32 19.85 7.05
C GLY A 443 -3.67 19.29 7.38
N PHE A 444 -4.45 18.95 6.36
CA PHE A 444 -5.78 18.37 6.67
C PHE A 444 -5.60 17.04 7.38
N VAL A 445 -6.15 16.97 8.58
CA VAL A 445 -6.13 15.78 9.41
C VAL A 445 -7.53 15.47 9.92
N VAL A 446 -7.85 14.19 10.03
CA VAL A 446 -9.12 13.77 10.62
C VAL A 446 -8.91 12.60 11.56
N LYS A 447 -9.99 12.27 12.26
CA LYS A 447 -10.05 11.05 13.06
C LYS A 447 -11.13 10.15 12.45
N ALA A 448 -10.79 8.89 12.26
CA ALA A 448 -11.71 7.88 11.74
C ALA A 448 -12.21 7.00 12.89
N LYS A 449 -13.50 6.70 12.88
CA LYS A 449 -14.11 5.79 13.84
C LYS A 449 -14.69 4.60 13.10
N SER A 450 -14.19 3.40 13.38
CA SER A 450 -14.61 2.29 12.51
C SER A 450 -16.06 1.90 12.72
N LYS A 451 -16.72 1.55 11.63
CA LYS A 451 -18.06 0.97 11.69
C LYS A 451 -17.94 -0.55 11.82
N LYS A 452 -16.72 -1.04 11.88
CA LYS A 452 -16.33 -2.43 12.01
C LYS A 452 -16.96 -3.33 10.94
N ILE A 453 -16.75 -2.99 9.68
CA ILE A 453 -17.16 -3.81 8.56
C ILE A 453 -15.94 -4.36 7.83
N PRO A 454 -15.76 -5.67 7.86
CA PRO A 454 -14.59 -6.32 7.24
C PRO A 454 -14.55 -6.13 5.73
N LEU A 455 -13.34 -5.96 5.20
CA LEU A 455 -13.14 -5.75 3.77
C LEU A 455 -12.62 -7.02 3.11
N GLY A 456 -13.43 -8.06 2.99
CA GLY A 456 -12.92 -9.31 2.41
C GLY A 456 -13.21 -10.46 3.33
N GLY A 457 -13.59 -10.15 4.56
CA GLY A 457 -13.94 -11.16 5.55
C GLY A 457 -13.16 -10.98 6.85
N ILE A 458 -13.61 -11.69 7.89
CA ILE A 458 -12.98 -11.61 9.21
C ILE A 458 -11.77 -12.53 9.28
N ASN B 21 -4.30 -7.22 -47.09
CA ASN B 21 -4.23 -6.06 -46.22
C ASN B 21 -5.13 -4.95 -46.71
N THR B 22 -6.44 -5.10 -46.49
CA THR B 22 -7.37 -4.12 -47.04
C THR B 22 -7.41 -2.83 -46.23
N PRO B 23 -7.65 -1.76 -46.98
CA PRO B 23 -7.66 -0.38 -46.49
C PRO B 23 -8.80 -0.04 -45.53
N LEU B 24 -8.52 0.08 -44.23
CA LEU B 24 -9.59 0.49 -43.32
C LEU B 24 -9.35 1.87 -42.73
N LEU B 25 -10.10 2.87 -43.22
CA LEU B 25 -9.93 4.22 -42.68
C LEU B 25 -10.91 4.49 -41.56
N VAL B 26 -10.38 4.87 -40.40
CA VAL B 26 -11.27 5.20 -39.28
C VAL B 26 -11.20 6.69 -38.96
N LEU B 27 -12.34 7.36 -39.04
CA LEU B 27 -12.51 8.78 -38.80
C LEU B 27 -13.29 9.00 -37.50
N TYR B 28 -12.88 10.04 -36.75
CA TYR B 28 -13.62 10.34 -35.53
C TYR B 28 -14.07 11.80 -35.51
N GLY B 29 -15.15 12.01 -34.77
CA GLY B 29 -15.67 13.28 -34.32
C GLY B 29 -15.63 13.24 -32.80
N SER B 30 -14.69 13.96 -32.19
CA SER B 30 -14.58 13.89 -30.73
C SER B 30 -14.17 15.22 -30.13
N ASN B 31 -14.76 15.54 -28.98
CA ASN B 31 -14.37 16.70 -28.19
C ASN B 31 -13.65 16.23 -26.92
N MET B 32 -14.18 15.23 -26.24
CA MET B 32 -13.51 14.73 -25.03
C MET B 32 -12.85 13.36 -25.17
N GLY B 33 -12.60 12.81 -26.36
CA GLY B 33 -11.81 11.62 -26.55
C GLY B 33 -12.44 10.26 -26.46
N THR B 34 -13.71 10.16 -26.06
CA THR B 34 -14.39 8.87 -26.01
C THR B 34 -14.45 8.25 -27.40
N ALA B 35 -15.01 9.00 -28.35
CA ALA B 35 -15.08 8.61 -29.75
C ALA B 35 -13.70 8.47 -30.36
N GLU B 36 -12.76 9.35 -30.01
CA GLU B 36 -11.41 9.21 -30.55
C GLU B 36 -10.72 7.96 -30.04
N GLY B 37 -10.90 7.56 -28.77
CA GLY B 37 -10.24 6.33 -28.31
C GLY B 37 -10.87 5.09 -28.91
N THR B 38 -12.18 5.13 -29.09
CA THR B 38 -12.93 4.03 -29.70
C THR B 38 -12.44 3.81 -31.12
N ALA B 39 -12.27 4.87 -31.87
CA ALA B 39 -11.73 4.89 -33.21
C ALA B 39 -10.35 4.26 -33.29
N ARG B 40 -9.46 4.67 -32.39
CA ARG B 40 -8.08 4.17 -32.35
C ARG B 40 -8.05 2.72 -31.88
N ASP B 41 -9.01 2.36 -31.05
CA ASP B 41 -9.14 0.96 -30.62
C ASP B 41 -9.49 0.13 -31.84
N LEU B 42 -10.49 0.58 -32.60
CA LEU B 42 -10.88 -0.12 -33.82
C LEU B 42 -9.68 -0.27 -34.74
N ALA B 43 -8.99 0.84 -35.01
CA ALA B 43 -7.80 0.73 -35.86
C ALA B 43 -6.77 -0.22 -35.29
N ASP B 44 -6.79 -0.47 -33.98
CA ASP B 44 -5.83 -1.39 -33.39
C ASP B 44 -6.26 -2.82 -33.62
N ILE B 45 -7.57 -3.06 -33.60
CA ILE B 45 -8.02 -4.43 -33.86
C ILE B 45 -8.00 -4.70 -35.35
N ALA B 46 -8.07 -3.66 -36.18
CA ALA B 46 -7.99 -3.90 -37.62
C ALA B 46 -6.61 -4.44 -38.00
N MET B 47 -5.56 -3.85 -37.43
CA MET B 47 -4.18 -4.21 -37.63
C MET B 47 -3.93 -5.68 -37.31
N SER B 48 -4.69 -6.15 -36.31
CA SER B 48 -4.69 -7.53 -35.89
C SER B 48 -5.47 -8.40 -36.87
N LYS B 49 -6.27 -7.75 -37.72
CA LYS B 49 -7.08 -8.49 -38.68
C LYS B 49 -6.60 -8.21 -40.11
N GLY B 50 -5.34 -7.79 -40.18
CA GLY B 50 -4.56 -7.61 -41.37
C GLY B 50 -4.86 -6.39 -42.20
N PHE B 51 -5.80 -5.55 -41.76
CA PHE B 51 -6.11 -4.35 -42.54
C PHE B 51 -4.89 -3.43 -42.63
N ALA B 52 -5.08 -2.32 -43.34
CA ALA B 52 -4.16 -1.21 -43.45
C ALA B 52 -4.87 0.06 -42.96
N PRO B 53 -5.14 0.11 -41.66
CA PRO B 53 -5.99 1.14 -41.09
C PRO B 53 -5.29 2.49 -41.00
N GLN B 54 -6.13 3.52 -41.03
CA GLN B 54 -5.72 4.91 -40.92
C GLN B 54 -6.69 5.66 -40.01
N VAL B 55 -6.17 6.41 -39.05
CA VAL B 55 -7.04 7.14 -38.14
C VAL B 55 -6.86 8.66 -38.29
N ALA B 56 -8.01 9.32 -38.37
CA ALA B 56 -8.05 10.77 -38.52
C ALA B 56 -9.40 11.32 -38.09
N THR B 57 -9.45 12.62 -37.85
CA THR B 57 -10.71 13.28 -37.52
C THR B 57 -11.68 13.21 -38.69
N LEU B 58 -12.96 13.49 -38.40
CA LEU B 58 -13.94 13.47 -39.49
C LEU B 58 -13.76 14.64 -40.44
N ASP B 59 -13.69 15.86 -39.91
CA ASP B 59 -13.74 17.01 -40.83
C ASP B 59 -12.38 17.31 -41.43
N SER B 60 -11.59 16.28 -41.69
CA SER B 60 -10.27 16.38 -42.30
C SER B 60 -10.20 15.52 -43.56
N HIS B 61 -11.21 14.68 -43.71
CA HIS B 61 -11.45 13.87 -44.89
C HIS B 61 -12.78 14.31 -45.51
N ALA B 62 -13.16 15.55 -45.21
CA ALA B 62 -14.37 16.15 -45.74
C ALA B 62 -14.31 16.22 -47.26
N GLY B 63 -14.92 15.24 -47.94
CA GLY B 63 -14.90 15.20 -49.39
C GLY B 63 -13.98 14.10 -49.90
N ASN B 64 -13.04 13.71 -49.06
CA ASN B 64 -12.03 12.71 -49.35
C ASN B 64 -12.37 11.35 -48.73
N LEU B 65 -13.64 10.95 -48.83
CA LEU B 65 -14.03 9.62 -48.41
C LEU B 65 -13.40 8.57 -49.32
N PRO B 66 -12.90 7.48 -48.74
CA PRO B 66 -12.19 6.46 -49.49
C PRO B 66 -13.10 5.72 -50.46
N ARG B 67 -12.73 5.77 -51.74
CA ARG B 67 -13.50 5.07 -52.76
C ARG B 67 -13.07 3.62 -52.85
N GLU B 68 -12.41 3.13 -51.79
CA GLU B 68 -11.99 1.74 -51.74
C GLU B 68 -11.65 1.32 -50.31
N GLY B 69 -12.03 0.07 -50.06
CA GLY B 69 -11.99 -0.58 -48.77
C GLY B 69 -13.28 -0.31 -48.02
N ALA B 70 -13.16 0.54 -47.00
CA ALA B 70 -14.29 0.87 -46.15
C ALA B 70 -13.88 1.97 -45.17
N VAL B 71 -14.86 2.69 -44.65
CA VAL B 71 -14.57 3.79 -43.73
C VAL B 71 -15.46 3.70 -42.50
N LEU B 72 -14.85 3.40 -41.36
CA LEU B 72 -15.56 3.38 -40.09
C LEU B 72 -15.64 4.80 -39.53
N ILE B 73 -16.85 5.20 -39.15
CA ILE B 73 -17.07 6.55 -38.68
C ILE B 73 -17.64 6.50 -37.26
N VAL B 74 -16.78 6.95 -36.35
CA VAL B 74 -17.01 6.99 -34.91
C VAL B 74 -17.14 8.44 -34.44
N THR B 75 -18.33 8.78 -33.93
CA THR B 75 -18.59 10.16 -33.57
C THR B 75 -19.61 10.31 -32.44
N ALA B 76 -19.37 11.38 -31.69
CA ALA B 76 -20.24 11.84 -30.63
C ALA B 76 -21.20 12.89 -31.17
N SER B 77 -22.01 13.41 -30.27
CA SER B 77 -22.94 14.50 -30.51
C SER B 77 -22.83 15.51 -29.37
N TYR B 78 -22.95 16.80 -29.66
CA TYR B 78 -22.98 17.79 -28.58
C TYR B 78 -24.21 18.66 -28.71
N ASN B 79 -25.18 18.43 -27.83
CA ASN B 79 -26.45 19.13 -27.89
C ASN B 79 -27.02 19.10 -29.31
N GLY B 80 -26.87 17.99 -30.01
CA GLY B 80 -27.43 17.85 -31.35
C GLY B 80 -26.47 18.26 -32.45
N HIS B 81 -25.27 18.66 -32.07
CA HIS B 81 -24.29 19.18 -33.01
C HIS B 81 -23.01 18.37 -33.06
N PRO B 82 -22.27 18.52 -34.16
CA PRO B 82 -21.04 17.75 -34.33
C PRO B 82 -19.95 18.30 -33.43
N PRO B 83 -19.06 17.43 -33.00
CA PRO B 83 -17.89 17.87 -32.23
C PRO B 83 -17.04 18.82 -33.08
N ASP B 84 -16.19 19.58 -32.40
CA ASP B 84 -15.38 20.60 -33.05
C ASP B 84 -14.56 20.06 -34.20
N ASN B 85 -14.12 18.80 -34.15
CA ASN B 85 -13.34 18.29 -35.28
C ASN B 85 -14.21 17.55 -36.29
N ALA B 86 -15.53 17.77 -36.30
CA ALA B 86 -16.39 17.06 -37.23
C ALA B 86 -17.33 17.98 -38.00
N LYS B 87 -17.40 19.23 -37.62
CA LYS B 87 -18.32 20.22 -38.17
C LYS B 87 -18.14 20.44 -39.67
N GLN B 88 -16.91 20.53 -40.14
CA GLN B 88 -16.59 20.73 -41.56
C GLN B 88 -17.07 19.53 -42.39
N PHE B 89 -16.98 18.35 -41.77
CA PHE B 89 -17.38 17.14 -42.46
C PHE B 89 -18.90 17.16 -42.73
N VAL B 90 -19.66 17.29 -41.64
CA VAL B 90 -21.12 17.28 -41.68
C VAL B 90 -21.65 18.39 -42.59
N ASP B 91 -21.13 19.60 -42.41
CA ASP B 91 -21.60 20.70 -43.27
C ASP B 91 -21.38 20.32 -44.72
N TRP B 92 -20.15 19.88 -45.01
CA TRP B 92 -19.84 19.37 -46.34
C TRP B 92 -20.87 18.30 -46.72
N LEU B 93 -21.24 17.46 -45.76
CA LEU B 93 -22.19 16.38 -46.03
C LEU B 93 -23.61 16.90 -46.23
N ASP B 94 -24.03 17.82 -45.38
CA ASP B 94 -25.39 18.35 -45.43
C ASP B 94 -25.68 19.05 -46.74
N GLN B 95 -25.24 20.30 -46.84
CA GLN B 95 -25.46 21.01 -48.10
C GLN B 95 -24.82 20.26 -49.25
N ALA B 96 -23.49 20.28 -49.32
CA ALA B 96 -22.81 19.59 -50.41
C ALA B 96 -23.23 18.13 -50.51
N SER B 97 -23.75 17.75 -51.67
CA SER B 97 -24.14 16.39 -51.98
C SER B 97 -23.75 16.05 -53.42
N ALA B 98 -23.47 17.09 -54.17
CA ALA B 98 -23.07 17.05 -55.56
C ALA B 98 -21.95 16.04 -55.79
N ASP B 99 -20.87 16.22 -55.02
CA ASP B 99 -19.74 15.30 -55.07
C ASP B 99 -20.11 13.98 -54.37
N GLU B 100 -21.07 13.30 -54.96
CA GLU B 100 -21.70 12.08 -54.47
C GLU B 100 -20.74 11.18 -53.71
N VAL B 101 -21.29 10.34 -52.86
CA VAL B 101 -20.54 9.45 -51.98
C VAL B 101 -20.58 8.02 -52.47
N LYS B 102 -20.68 7.89 -53.80
CA LYS B 102 -20.70 6.58 -54.45
C LYS B 102 -19.31 5.95 -54.44
N GLY B 103 -19.28 4.68 -54.09
CA GLY B 103 -18.09 3.87 -54.00
C GLY B 103 -17.67 3.65 -52.55
N VAL B 104 -17.99 4.64 -51.72
CA VAL B 104 -17.64 4.69 -50.31
C VAL B 104 -18.43 3.66 -49.48
N ARG B 105 -17.76 2.55 -49.17
CA ARG B 105 -18.39 1.54 -48.34
C ARG B 105 -18.05 1.78 -46.88
N TYR B 106 -19.03 2.24 -46.09
CA TYR B 106 -18.80 2.64 -44.71
C TYR B 106 -19.65 1.90 -43.70
N SER B 107 -19.61 2.42 -42.48
CA SER B 107 -20.32 1.97 -41.29
C SER B 107 -20.18 3.04 -40.20
N VAL B 108 -21.17 3.18 -39.34
CA VAL B 108 -21.12 4.26 -38.35
C VAL B 108 -21.30 3.78 -36.93
N PHE B 109 -20.41 4.21 -36.03
CA PHE B 109 -20.60 3.93 -34.61
C PHE B 109 -20.85 5.22 -33.84
N GLY B 110 -21.93 5.22 -33.07
CA GLY B 110 -22.39 6.34 -32.31
C GLY B 110 -22.04 6.32 -30.84
N CYS B 111 -21.42 7.43 -30.45
CA CYS B 111 -21.16 7.73 -29.04
C CYS B 111 -22.12 8.83 -28.57
N GLY B 112 -23.00 8.46 -27.66
CA GLY B 112 -24.03 9.33 -27.13
C GLY B 112 -24.32 9.07 -25.68
N ASP B 113 -25.19 9.92 -25.13
CA ASP B 113 -25.65 9.80 -23.76
C ASP B 113 -27.16 9.97 -23.72
N LYS B 114 -27.84 9.01 -23.11
CA LYS B 114 -29.30 9.04 -23.01
C LYS B 114 -29.77 10.26 -22.23
N ASN B 115 -28.90 10.83 -21.43
CA ASN B 115 -29.13 12.03 -20.64
C ASN B 115 -29.43 13.26 -21.51
N TRP B 116 -29.24 13.15 -22.80
CA TRP B 116 -29.53 14.14 -23.83
C TRP B 116 -30.69 13.71 -24.74
N ALA B 117 -31.84 13.79 -24.12
CA ALA B 117 -33.22 13.61 -24.46
C ALA B 117 -33.51 13.40 -25.95
N THR B 118 -33.81 14.52 -26.57
CA THR B 118 -34.22 14.74 -27.95
C THR B 118 -33.06 14.75 -28.92
N THR B 119 -31.83 14.75 -28.40
CA THR B 119 -30.71 14.82 -29.33
C THR B 119 -29.93 13.51 -29.38
N TYR B 120 -30.43 12.49 -28.71
CA TYR B 120 -29.71 11.22 -28.63
C TYR B 120 -29.25 10.70 -29.99
N GLN B 121 -27.94 10.60 -30.15
CA GLN B 121 -27.20 10.09 -31.29
C GLN B 121 -27.53 10.80 -32.60
N LYS B 122 -27.96 12.05 -32.50
CA LYS B 122 -28.37 12.81 -33.68
C LYS B 122 -27.26 12.96 -34.71
N VAL B 123 -26.01 13.15 -34.29
CA VAL B 123 -24.98 13.33 -35.33
C VAL B 123 -24.63 12.02 -36.02
N PRO B 124 -24.31 10.94 -35.31
CA PRO B 124 -24.07 9.67 -36.00
C PRO B 124 -25.23 9.29 -36.93
N ALA B 125 -26.45 9.50 -36.45
CA ALA B 125 -27.64 9.20 -37.24
C ALA B 125 -27.67 10.04 -38.51
N PHE B 126 -27.47 11.34 -38.35
CA PHE B 126 -27.42 12.24 -39.49
C PHE B 126 -26.45 11.75 -40.56
N ILE B 127 -25.21 11.53 -40.15
CA ILE B 127 -24.14 11.10 -41.04
C ILE B 127 -24.48 9.77 -41.72
N ASP B 128 -24.96 8.81 -40.94
CA ASP B 128 -25.30 7.49 -41.42
C ASP B 128 -26.32 7.48 -42.55
N GLU B 129 -27.47 8.09 -42.25
CA GLU B 129 -28.58 8.15 -43.18
C GLU B 129 -28.32 9.18 -44.28
N THR B 130 -27.56 10.23 -43.96
CA THR B 130 -27.29 11.19 -45.04
C THR B 130 -26.36 10.57 -46.07
N LEU B 131 -25.39 9.81 -45.55
CA LEU B 131 -24.42 9.14 -46.41
C LEU B 131 -25.13 8.21 -47.37
N ALA B 132 -26.27 7.70 -46.92
CA ALA B 132 -27.03 6.74 -47.72
C ALA B 132 -27.95 7.40 -48.74
N ALA B 133 -28.48 8.57 -48.40
CA ALA B 133 -29.28 9.32 -49.36
C ALA B 133 -28.37 10.12 -50.31
N LYS B 134 -27.25 9.53 -50.65
CA LYS B 134 -26.18 10.08 -51.50
C LYS B 134 -25.36 8.98 -52.18
N GLY B 135 -25.83 7.72 -52.01
CA GLY B 135 -25.23 6.54 -52.65
C GLY B 135 -24.43 5.64 -51.74
N ALA B 136 -25.08 4.95 -50.79
CA ALA B 136 -24.35 4.25 -49.74
C ALA B 136 -23.95 2.80 -50.05
N GLU B 137 -22.75 2.49 -49.57
CA GLU B 137 -22.28 1.11 -49.50
C GLU B 137 -22.21 0.70 -48.04
N ASN B 138 -23.27 1.07 -47.32
CA ASN B 138 -23.41 0.70 -45.92
C ASN B 138 -23.24 -0.81 -45.74
N ILE B 139 -22.03 -1.25 -45.44
CA ILE B 139 -21.68 -2.65 -45.26
C ILE B 139 -22.05 -3.20 -43.89
N ALA B 140 -22.27 -2.32 -42.92
CA ALA B 140 -22.57 -2.74 -41.56
C ALA B 140 -23.45 -1.73 -40.85
N ASP B 141 -24.58 -2.20 -40.32
CA ASP B 141 -25.53 -1.24 -39.74
C ASP B 141 -24.89 -0.50 -38.58
N ARG B 142 -25.27 0.77 -38.44
CA ARG B 142 -24.77 1.65 -37.40
C ARG B 142 -24.81 0.95 -36.04
N GLY B 143 -24.03 1.45 -35.11
CA GLY B 143 -23.96 1.00 -33.73
C GLY B 143 -23.98 2.16 -32.74
N GLU B 144 -24.60 1.96 -31.59
CA GLU B 144 -24.79 3.06 -30.64
C GLU B 144 -24.16 2.73 -29.28
N ALA B 145 -23.65 3.74 -28.58
CA ALA B 145 -23.18 3.55 -27.22
C ALA B 145 -23.83 4.56 -26.29
N ASP B 146 -24.49 4.05 -25.25
CA ASP B 146 -25.04 4.92 -24.22
C ASP B 146 -24.10 4.95 -23.01
N ALA B 147 -23.48 6.11 -22.83
CA ALA B 147 -22.55 6.32 -21.73
C ALA B 147 -23.25 6.16 -20.39
N SER B 148 -24.56 6.40 -20.38
CA SER B 148 -25.40 6.30 -19.20
C SER B 148 -25.79 4.87 -18.87
N ASP B 149 -25.32 3.89 -19.63
CA ASP B 149 -25.61 2.50 -19.31
C ASP B 149 -24.44 1.58 -19.67
N ASP B 150 -24.62 0.84 -20.76
CA ASP B 150 -23.70 -0.25 -21.09
C ASP B 150 -23.01 0.02 -22.42
N PHE B 151 -22.17 1.06 -22.43
CA PHE B 151 -21.49 1.45 -23.65
C PHE B 151 -20.57 0.35 -24.17
N GLU B 152 -20.00 -0.50 -23.33
CA GLU B 152 -19.08 -1.50 -23.88
C GLU B 152 -19.81 -2.73 -24.41
N GLY B 153 -21.00 -2.96 -23.89
CA GLY B 153 -21.86 -4.03 -24.42
C GLY B 153 -22.15 -3.72 -25.88
N THR B 154 -22.86 -2.61 -26.10
CA THR B 154 -23.22 -2.22 -27.46
C THR B 154 -22.01 -2.05 -28.36
N TYR B 155 -20.94 -1.49 -27.78
CA TYR B 155 -19.76 -1.30 -28.63
C TYR B 155 -19.25 -2.67 -29.05
N GLU B 156 -19.33 -3.62 -28.12
CA GLU B 156 -18.93 -4.99 -28.39
C GLU B 156 -19.86 -5.67 -29.40
N GLU B 157 -21.18 -5.53 -29.22
CA GLU B 157 -22.10 -6.11 -30.19
C GLU B 157 -21.79 -5.60 -31.60
N TRP B 158 -21.83 -4.29 -31.81
CA TRP B 158 -21.59 -3.67 -33.11
C TRP B 158 -20.29 -4.09 -33.77
N ARG B 159 -19.23 -4.24 -32.98
CA ARG B 159 -17.90 -4.60 -33.41
C ARG B 159 -17.82 -6.00 -34.00
N GLU B 160 -18.24 -6.98 -33.22
CA GLU B 160 -18.18 -8.37 -33.71
C GLU B 160 -19.02 -8.54 -34.96
N HIS B 161 -20.27 -8.09 -34.89
CA HIS B 161 -21.13 -8.09 -36.06
C HIS B 161 -20.44 -7.36 -37.21
N MET B 162 -19.75 -6.27 -36.86
CA MET B 162 -19.12 -5.43 -37.85
C MET B 162 -18.03 -6.14 -38.64
N TRP B 163 -17.04 -6.71 -37.96
CA TRP B 163 -15.92 -7.35 -38.64
C TRP B 163 -16.41 -8.38 -39.67
N SER B 164 -17.41 -9.14 -39.26
CA SER B 164 -18.00 -10.17 -40.09
C SER B 164 -18.70 -9.59 -41.31
N ASP B 165 -19.49 -8.53 -41.12
CA ASP B 165 -20.17 -7.90 -42.25
C ASP B 165 -19.17 -7.55 -43.34
N VAL B 166 -18.06 -6.93 -42.94
CA VAL B 166 -17.01 -6.52 -43.85
C VAL B 166 -16.18 -7.72 -44.30
N ALA B 167 -16.11 -8.74 -43.44
CA ALA B 167 -15.39 -9.98 -43.76
C ALA B 167 -15.94 -10.59 -45.04
N ALA B 168 -17.11 -11.20 -44.86
CA ALA B 168 -17.90 -11.75 -45.94
C ALA B 168 -17.93 -10.83 -47.16
N TYR B 169 -18.13 -9.52 -46.90
CA TYR B 169 -18.20 -8.57 -48.01
C TYR B 169 -17.00 -8.73 -48.94
N PHE B 170 -15.79 -8.56 -48.42
CA PHE B 170 -14.55 -8.62 -49.18
C PHE B 170 -13.85 -9.98 -48.99
N ASN B 171 -12.85 -9.88 -48.12
CA ASN B 171 -11.90 -10.98 -47.92
C ASN B 171 -12.01 -11.57 -46.51
N LEU B 172 -11.19 -12.57 -46.23
CA LEU B 172 -11.28 -13.38 -45.01
C LEU B 172 -9.92 -13.87 -44.54
N ASN C 21 36.41 -14.02 25.94
CA ASN C 21 36.13 -15.45 25.72
C ASN C 21 35.26 -15.62 24.49
N THR C 22 34.01 -16.05 24.61
CA THR C 22 33.23 -16.30 23.39
C THR C 22 31.93 -15.50 23.35
N ASP C 23 31.49 -15.22 22.12
CA ASP C 23 30.23 -14.56 21.84
C ASP C 23 29.10 -15.60 21.80
N LYS C 24 29.47 -16.86 21.80
CA LYS C 24 28.56 -18.00 21.73
C LYS C 24 28.80 -18.97 22.88
N PRO C 25 28.48 -18.54 24.10
CA PRO C 25 28.84 -19.30 25.30
C PRO C 25 28.11 -20.62 25.45
N VAL C 26 26.81 -20.63 25.17
CA VAL C 26 26.06 -21.89 25.31
C VAL C 26 26.55 -22.93 24.32
N GLN C 27 26.77 -22.55 23.05
CA GLN C 27 27.30 -23.50 22.09
C GLN C 27 28.70 -23.96 22.51
N ALA C 28 29.42 -23.06 23.16
CA ALA C 28 30.74 -23.44 23.66
C ALA C 28 30.64 -24.41 24.83
N LEU C 29 29.73 -24.13 25.76
CA LEU C 29 29.53 -25.06 26.88
C LEU C 29 29.01 -26.41 26.40
N MET C 30 28.31 -26.44 25.28
CA MET C 30 27.82 -27.69 24.72
C MET C 30 28.99 -28.55 24.24
N LYS C 31 29.94 -27.90 23.56
CA LYS C 31 31.12 -28.65 23.12
C LYS C 31 31.86 -29.22 24.31
N ILE C 32 31.96 -28.43 25.39
CA ILE C 32 32.65 -28.95 26.57
C ILE C 32 31.88 -30.08 27.21
N ALA C 33 30.55 -29.97 27.24
CA ALA C 33 29.72 -31.08 27.69
C ALA C 33 30.01 -32.34 26.88
N ASP C 34 30.14 -32.18 25.57
CA ASP C 34 30.46 -33.29 24.69
C ASP C 34 31.70 -34.03 25.15
N GLU C 35 32.62 -33.29 25.76
CA GLU C 35 33.89 -33.89 26.17
C GLU C 35 33.91 -34.28 27.64
N LEU C 36 33.35 -33.46 28.53
CA LEU C 36 33.48 -33.78 29.95
C LEU C 36 32.29 -34.55 30.49
N GLY C 37 31.18 -34.57 29.75
CA GLY C 37 29.99 -35.26 30.22
C GLY C 37 28.95 -34.39 30.92
N GLU C 38 28.14 -35.02 31.76
CA GLU C 38 26.91 -34.51 32.31
C GLU C 38 27.11 -33.40 33.33
N ILE C 39 28.31 -33.21 33.88
CA ILE C 39 28.56 -32.10 34.78
C ILE C 39 30.02 -31.65 34.78
N PHE C 40 30.20 -30.32 34.82
CA PHE C 40 31.54 -29.75 34.92
C PHE C 40 31.45 -28.39 35.59
N LYS C 41 32.60 -27.93 36.10
CA LYS C 41 32.52 -26.73 36.93
C LYS C 41 33.45 -25.63 36.45
N PHE C 42 32.92 -24.40 36.59
CA PHE C 42 33.78 -23.26 36.35
C PHE C 42 33.89 -22.52 37.67
N GLU C 43 35.07 -21.94 37.93
CA GLU C 43 35.16 -21.23 39.20
C GLU C 43 35.78 -19.85 39.03
N ALA C 44 35.19 -18.88 39.71
CA ALA C 44 35.71 -17.52 39.86
C ALA C 44 35.86 -17.23 41.35
N PRO C 45 36.54 -16.15 41.72
CA PRO C 45 36.57 -15.78 43.14
C PRO C 45 35.14 -15.62 43.63
N GLY C 46 34.75 -16.45 44.59
CA GLY C 46 33.40 -16.41 45.12
C GLY C 46 32.41 -17.27 44.36
N ARG C 47 32.34 -17.15 43.02
CA ARG C 47 31.35 -17.90 42.27
C ARG C 47 31.89 -19.19 41.67
N VAL C 48 31.25 -20.27 42.07
CA VAL C 48 31.31 -21.60 41.47
C VAL C 48 29.99 -21.89 40.75
N THR C 49 30.09 -22.40 39.52
CA THR C 49 28.92 -22.79 38.75
C THR C 49 29.11 -24.19 38.20
N ARG C 50 28.08 -25.02 38.33
CA ARG C 50 28.19 -26.35 37.71
C ARG C 50 27.22 -26.40 36.52
N TYR C 51 27.65 -27.05 35.44
CA TYR C 51 26.84 -27.13 34.22
C TYR C 51 26.34 -28.54 34.00
N LEU C 52 25.02 -28.67 34.04
CA LEU C 52 24.29 -29.94 34.01
C LEU C 52 23.77 -30.22 32.62
N SER C 53 23.95 -31.45 32.13
CA SER C 53 23.45 -31.68 30.78
C SER C 53 22.78 -33.04 30.59
N SER C 54 22.72 -33.89 31.61
CA SER C 54 22.01 -35.16 31.46
C SER C 54 20.62 -35.11 32.09
N GLN C 55 19.71 -35.91 31.55
CA GLN C 55 18.34 -36.04 32.07
C GLN C 55 18.42 -36.54 33.52
N ARG C 56 19.39 -37.41 33.78
CA ARG C 56 19.59 -38.01 35.10
C ARG C 56 19.87 -36.97 36.19
N LEU C 57 20.73 -35.99 35.96
CA LEU C 57 20.99 -34.99 37.00
C LEU C 57 19.99 -33.84 36.97
N ILE C 58 19.58 -33.47 35.75
CA ILE C 58 18.66 -32.33 35.62
C ILE C 58 17.33 -32.67 36.28
N LYS C 59 17.02 -33.97 36.23
CA LYS C 59 15.79 -34.47 36.86
C LYS C 59 15.81 -34.19 38.35
N GLU C 60 16.99 -34.31 38.97
CA GLU C 60 17.16 -33.99 40.39
C GLU C 60 17.15 -32.49 40.64
N ALA C 61 17.82 -31.77 39.74
CA ALA C 61 17.88 -30.31 39.90
C ALA C 61 16.48 -29.70 39.76
N CYS C 62 15.55 -30.43 39.16
CA CYS C 62 14.19 -29.95 38.97
C CYS C 62 13.30 -30.24 40.18
N ASP C 63 13.81 -30.89 41.23
CA ASP C 63 13.05 -31.05 42.47
C ASP C 63 13.05 -29.72 43.24
N GLU C 64 11.93 -29.02 43.22
CA GLU C 64 11.78 -27.71 43.81
C GLU C 64 11.85 -27.70 45.33
N SER C 65 11.91 -28.85 46.00
CA SER C 65 12.13 -28.78 47.44
C SER C 65 13.62 -28.70 47.73
N ARG C 66 14.42 -28.97 46.69
CA ARG C 66 15.87 -28.99 46.81
C ARG C 66 16.53 -27.83 46.09
N PHE C 67 15.95 -27.38 44.98
CA PHE C 67 16.50 -26.35 44.12
C PHE C 67 15.43 -25.36 43.69
N ASP C 68 15.77 -24.07 43.65
CA ASP C 68 14.91 -22.98 43.24
C ASP C 68 15.57 -22.14 42.14
N LYS C 69 14.82 -21.29 41.46
CA LYS C 69 15.30 -20.49 40.37
C LYS C 69 16.38 -19.50 40.80
N ASN C 70 17.49 -19.48 40.07
CA ASN C 70 18.48 -18.45 40.45
C ASN C 70 18.43 -17.31 39.43
N LEU C 71 18.73 -16.08 39.84
CA LEU C 71 18.78 -14.96 38.90
C LEU C 71 20.23 -14.79 38.43
N SER C 72 20.53 -15.20 37.21
CA SER C 72 21.87 -14.99 36.68
C SER C 72 22.14 -13.49 36.55
N GLN C 73 23.36 -13.12 36.20
CA GLN C 73 23.73 -11.72 36.04
C GLN C 73 22.89 -11.07 34.94
N ALA C 74 22.67 -11.83 33.85
CA ALA C 74 21.84 -11.31 32.77
C ALA C 74 20.49 -10.81 33.30
N LEU C 75 19.83 -11.65 34.09
CA LEU C 75 18.49 -11.31 34.60
C LEU C 75 18.56 -10.14 35.56
N LYS C 76 19.69 -10.01 36.25
CA LYS C 76 19.87 -8.90 37.20
C LYS C 76 19.94 -7.57 36.48
N PHE C 77 20.63 -7.60 35.35
CA PHE C 77 20.75 -6.47 34.44
C PHE C 77 19.42 -6.22 33.74
N VAL C 78 18.69 -7.27 33.34
CA VAL C 78 17.36 -7.03 32.76
C VAL C 78 16.40 -6.46 33.80
N ARG C 79 16.55 -6.88 35.06
CA ARG C 79 15.73 -6.40 36.16
C ARG C 79 15.72 -4.89 36.31
N ASP C 80 16.77 -4.22 35.84
CA ASP C 80 16.77 -2.75 35.86
C ASP C 80 15.65 -2.17 35.02
N PHE C 81 15.03 -2.88 34.08
CA PHE C 81 13.84 -2.28 33.46
C PHE C 81 12.63 -3.22 33.54
N ALA C 82 12.86 -4.48 33.89
CA ALA C 82 11.76 -5.44 34.05
C ALA C 82 11.35 -5.53 35.52
N GLY C 83 12.16 -4.98 36.41
CA GLY C 83 11.80 -4.87 37.82
C GLY C 83 11.36 -6.18 38.42
N ASP C 84 10.33 -6.18 39.26
CA ASP C 84 9.94 -7.47 39.85
C ASP C 84 8.75 -8.09 39.14
N GLY C 85 8.73 -7.97 37.81
CA GLY C 85 7.78 -8.79 37.05
C GLY C 85 8.14 -10.25 37.23
N LEU C 86 7.40 -11.18 36.64
CA LEU C 86 7.59 -12.59 36.97
C LEU C 86 8.95 -13.17 36.62
N PHE C 87 9.50 -12.78 35.48
CA PHE C 87 10.70 -13.37 34.90
C PHE C 87 11.97 -13.02 35.66
N THR C 88 12.05 -11.82 36.23
CA THR C 88 13.28 -11.39 36.91
C THR C 88 13.08 -11.20 38.41
N SER C 89 12.15 -11.92 39.01
CA SER C 89 11.88 -11.88 40.44
C SER C 89 12.43 -13.12 41.12
N TRP C 90 12.75 -13.04 42.41
CA TRP C 90 13.06 -14.22 43.20
C TRP C 90 11.76 -14.92 43.59
N THR C 91 11.79 -16.25 43.73
CA THR C 91 10.57 -16.95 44.11
C THR C 91 10.02 -16.42 45.44
N HIS C 92 10.89 -16.03 46.34
CA HIS C 92 10.52 -15.55 47.67
C HIS C 92 9.94 -14.15 47.67
N GLU C 93 10.08 -13.42 46.56
CA GLU C 93 9.56 -12.04 46.63
C GLU C 93 8.04 -12.02 46.65
N LYS C 94 7.47 -11.10 47.42
CA LYS C 94 6.02 -11.00 47.51
C LYS C 94 5.34 -10.93 46.15
N ASN C 95 5.83 -10.03 45.29
CA ASN C 95 5.16 -9.82 44.02
C ASN C 95 5.26 -11.02 43.10
N TRP C 96 6.18 -11.96 43.32
CA TRP C 96 6.22 -13.12 42.45
C TRP C 96 4.98 -13.98 42.67
N LYS C 97 4.76 -14.51 43.87
CA LYS C 97 3.70 -15.52 43.99
C LYS C 97 2.34 -14.94 43.68
N LYS C 98 2.15 -13.71 44.10
CA LYS C 98 0.94 -12.93 43.91
C LYS C 98 0.65 -12.77 42.42
N ALA C 99 1.63 -12.32 41.64
CA ALA C 99 1.43 -12.18 40.20
C ALA C 99 1.22 -13.55 39.55
N HIS C 100 1.96 -14.54 40.02
CA HIS C 100 1.89 -15.89 39.48
C HIS C 100 0.48 -16.47 39.59
N ASN C 101 -0.16 -16.30 40.75
CA ASN C 101 -1.49 -16.86 40.94
C ASN C 101 -2.57 -16.03 40.26
N ILE C 102 -2.34 -14.73 40.15
CA ILE C 102 -3.28 -13.84 39.46
C ILE C 102 -3.26 -14.03 37.95
N LEU C 103 -2.11 -14.32 37.36
CA LEU C 103 -1.99 -14.32 35.91
C LEU C 103 -2.07 -15.72 35.35
N LEU C 104 -1.92 -16.71 36.23
CA LEU C 104 -1.95 -18.10 35.75
C LEU C 104 -3.21 -18.37 34.93
N PRO C 105 -4.40 -18.04 35.38
CA PRO C 105 -5.58 -18.34 34.54
C PRO C 105 -5.53 -17.67 33.17
N SER C 106 -4.94 -16.48 33.08
CA SER C 106 -4.89 -15.73 31.83
C SER C 106 -3.99 -16.39 30.79
N PHE C 107 -3.27 -17.45 31.13
CA PHE C 107 -2.30 -18.06 30.21
C PHE C 107 -2.59 -19.52 29.92
N SER C 108 -3.70 -20.03 30.42
CA SER C 108 -4.05 -21.44 30.26
C SER C 108 -4.46 -21.75 28.83
N GLN C 109 -4.55 -23.04 28.50
CA GLN C 109 -4.96 -23.41 27.13
C GLN C 109 -6.33 -22.82 26.85
N GLN C 110 -7.20 -22.85 27.86
CA GLN C 110 -8.54 -22.27 27.74
C GLN C 110 -8.51 -20.81 27.33
N ALA C 111 -7.62 -20.03 27.95
CA ALA C 111 -7.55 -18.60 27.64
C ALA C 111 -7.10 -18.36 26.21
N MET C 112 -6.55 -19.38 25.56
CA MET C 112 -6.01 -19.16 24.22
C MET C 112 -7.11 -18.84 23.23
N LYS C 113 -8.30 -19.35 23.48
CA LYS C 113 -9.45 -19.11 22.62
C LYS C 113 -9.76 -17.64 22.44
N GLY C 114 -9.64 -16.93 23.56
CA GLY C 114 -9.89 -15.51 23.61
C GLY C 114 -8.80 -14.63 23.05
N TYR C 115 -7.60 -15.16 22.74
CA TYR C 115 -6.53 -14.41 22.12
C TYR C 115 -6.44 -14.70 20.62
N HIS C 116 -7.00 -15.83 20.22
CA HIS C 116 -6.89 -16.33 18.85
C HIS C 116 -7.22 -15.29 17.79
N ALA C 117 -8.30 -14.53 17.96
CA ALA C 117 -8.75 -13.62 16.91
C ALA C 117 -7.70 -12.54 16.65
N MET C 118 -7.16 -11.98 17.75
CA MET C 118 -6.15 -10.94 17.56
C MET C 118 -4.84 -11.56 17.12
N MET C 119 -4.68 -12.86 17.39
CA MET C 119 -3.45 -13.51 16.94
C MET C 119 -3.51 -13.59 15.41
N VAL C 120 -4.71 -13.95 14.99
CA VAL C 120 -4.93 -14.07 13.54
C VAL C 120 -4.77 -12.71 12.89
N ASP C 121 -5.15 -11.68 13.64
CA ASP C 121 -5.11 -10.33 13.10
C ASP C 121 -3.68 -9.97 12.73
N ILE C 122 -2.69 -10.29 13.57
CA ILE C 122 -1.32 -9.97 13.18
C ILE C 122 -0.76 -10.99 12.20
N ALA C 123 -1.15 -12.25 12.30
CA ALA C 123 -0.68 -13.27 11.36
C ALA C 123 -1.09 -12.96 9.93
N VAL C 124 -2.26 -12.35 9.74
CA VAL C 124 -2.71 -11.91 8.42
C VAL C 124 -1.81 -10.80 7.90
N GLN C 125 -1.38 -9.90 8.80
CA GLN C 125 -0.51 -8.81 8.34
C GLN C 125 0.82 -9.38 7.85
N LEU C 126 1.32 -10.42 8.50
CA LEU C 126 2.55 -11.09 8.06
C LEU C 126 2.35 -11.68 6.67
N VAL C 127 1.34 -12.54 6.56
CA VAL C 127 1.11 -13.16 5.25
C VAL C 127 0.86 -12.11 4.18
N GLN C 128 0.10 -11.04 4.43
CA GLN C 128 -0.12 -10.01 3.40
C GLN C 128 1.16 -9.26 3.07
N LYS C 129 2.07 -9.06 4.03
CA LYS C 129 3.34 -8.42 3.62
C LYS C 129 4.08 -9.25 2.58
N TRP C 130 4.15 -10.57 2.82
CA TRP C 130 4.86 -11.48 1.93
C TRP C 130 4.14 -11.63 0.59
N GLU C 131 2.81 -11.66 0.60
CA GLU C 131 2.04 -11.69 -0.63
C GLU C 131 2.39 -10.51 -1.56
N ARG C 132 2.74 -9.39 -0.92
CA ARG C 132 2.92 -8.10 -1.56
C ARG C 132 4.37 -7.78 -1.86
N LEU C 133 5.27 -8.76 -1.73
CA LEU C 133 6.64 -8.51 -2.14
C LEU C 133 6.77 -8.62 -3.65
N ASN C 134 7.67 -7.83 -4.24
CA ASN C 134 7.99 -8.00 -5.66
C ASN C 134 8.84 -9.25 -5.81
N ALA C 135 8.81 -9.89 -6.97
CA ALA C 135 9.44 -11.19 -7.18
C ALA C 135 10.94 -11.17 -6.96
N ASP C 136 11.59 -10.00 -7.08
CA ASP C 136 13.03 -9.93 -6.91
C ASP C 136 13.46 -9.84 -5.46
N GLU C 137 12.49 -9.80 -4.56
CA GLU C 137 12.81 -9.48 -3.16
C GLU C 137 12.94 -10.74 -2.32
N HIS C 138 13.26 -10.59 -1.03
CA HIS C 138 13.45 -11.74 -0.16
C HIS C 138 12.90 -11.43 1.23
N ILE C 139 12.82 -12.47 2.06
CA ILE C 139 12.32 -12.37 3.42
C ILE C 139 13.43 -12.50 4.45
N GLU C 140 13.43 -11.52 5.36
CA GLU C 140 14.26 -11.51 6.56
C GLU C 140 13.48 -12.22 7.66
N VAL C 141 13.82 -13.48 7.91
CA VAL C 141 12.94 -14.32 8.70
C VAL C 141 12.89 -13.91 10.16
N PRO C 142 13.98 -13.90 10.90
CA PRO C 142 13.84 -13.56 12.33
C PRO C 142 13.30 -12.15 12.48
N GLU C 143 13.59 -11.31 11.49
CA GLU C 143 13.16 -9.91 11.54
C GLU C 143 11.64 -9.80 11.48
N ASP C 144 11.06 -10.43 10.46
CA ASP C 144 9.61 -10.44 10.35
C ASP C 144 8.95 -11.16 11.52
N MET C 145 9.51 -12.30 11.94
CA MET C 145 8.88 -13.03 13.04
C MET C 145 8.91 -12.22 14.32
N THR C 146 9.89 -11.34 14.51
CA THR C 146 9.95 -10.54 15.74
C THR C 146 8.92 -9.42 15.70
N ARG C 147 8.70 -8.83 14.53
CA ARG C 147 7.66 -7.87 14.25
C ARG C 147 6.29 -8.43 14.62
N LEU C 148 6.03 -9.65 14.18
CA LEU C 148 4.80 -10.39 14.43
C LEU C 148 4.59 -10.74 15.89
N THR C 149 5.63 -11.26 16.55
CA THR C 149 5.40 -11.66 17.94
C THR C 149 5.27 -10.43 18.82
N LEU C 150 6.03 -9.37 18.52
CA LEU C 150 5.89 -8.15 19.33
C LEU C 150 4.49 -7.57 19.21
N ASP C 151 3.97 -7.44 18.00
CA ASP C 151 2.65 -6.84 17.80
C ASP C 151 1.55 -7.74 18.36
N THR C 152 1.75 -9.04 18.31
CA THR C 152 0.81 -10.00 18.88
C THR C 152 0.73 -9.85 20.39
N ILE C 153 1.85 -9.67 21.10
CA ILE C 153 1.75 -9.57 22.56
C ILE C 153 1.12 -8.24 22.94
N GLY C 154 1.46 -7.19 22.20
CA GLY C 154 0.89 -5.87 22.40
C GLY C 154 -0.60 -5.84 22.27
N LEU C 155 -1.12 -6.42 21.18
CA LEU C 155 -2.55 -6.43 20.92
C LEU C 155 -3.31 -7.38 21.84
N CYS C 156 -2.87 -8.63 21.93
CA CYS C 156 -3.46 -9.62 22.83
C CYS C 156 -3.29 -9.24 24.30
N GLY C 157 -2.18 -8.59 24.63
CA GLY C 157 -1.90 -8.25 26.01
C GLY C 157 -2.70 -7.09 26.55
N PHE C 158 -2.61 -5.94 25.88
CA PHE C 158 -3.25 -4.73 26.41
C PHE C 158 -3.88 -3.89 25.31
N ASN C 159 -4.35 -4.56 24.27
CA ASN C 159 -5.07 -3.92 23.18
C ASN C 159 -4.36 -2.73 22.59
N TYR C 160 -3.05 -2.87 22.40
CA TYR C 160 -2.27 -1.78 21.84
C TYR C 160 -1.58 -2.17 20.53
N ARG C 161 -1.69 -1.34 19.50
CA ARG C 161 -1.11 -1.63 18.19
C ARG C 161 0.20 -0.90 17.91
N PHE C 162 1.30 -1.65 17.94
CA PHE C 162 2.61 -1.16 17.55
C PHE C 162 2.68 -0.93 16.05
N ASN C 163 1.86 -1.65 15.28
CA ASN C 163 1.86 -1.49 13.84
C ASN C 163 3.26 -1.60 13.25
N SER C 164 4.00 -2.59 13.74
CA SER C 164 5.34 -2.85 13.23
C SER C 164 5.40 -3.08 11.71
N PHE C 165 4.36 -3.60 11.07
CA PHE C 165 4.49 -3.88 9.64
C PHE C 165 4.19 -2.66 8.80
N TYR C 166 3.92 -1.52 9.43
CA TYR C 166 3.72 -0.24 8.82
C TYR C 166 4.96 0.65 8.93
N ARG C 167 6.07 0.10 9.39
CA ARG C 167 7.23 0.92 9.72
C ARG C 167 8.56 0.31 9.27
N ASP C 168 9.50 1.19 9.00
CA ASP C 168 10.92 1.01 8.87
C ASP C 168 11.56 1.06 10.26
N GLN C 169 11.31 2.18 10.94
CA GLN C 169 11.77 2.33 12.32
C GLN C 169 10.65 1.89 13.25
N PRO C 170 10.99 0.97 14.14
CA PRO C 170 9.95 0.43 15.03
C PRO C 170 9.36 1.58 15.85
N HIS C 171 8.19 1.32 16.43
CA HIS C 171 7.59 2.21 17.43
C HIS C 171 8.61 2.52 18.50
N PRO C 172 8.67 3.78 18.91
CA PRO C 172 9.58 4.22 19.99
C PRO C 172 9.66 3.30 21.20
N PHE C 173 8.55 2.72 21.67
CA PHE C 173 8.63 1.75 22.75
C PHE C 173 9.60 0.64 22.34
N ILE C 174 9.38 0.09 21.14
CA ILE C 174 10.11 -1.11 20.75
C ILE C 174 11.58 -0.78 20.57
N THR C 175 11.85 0.38 19.99
CA THR C 175 13.24 0.79 19.81
C THR C 175 13.96 0.78 21.16
N SER C 176 13.33 1.39 22.16
CA SER C 176 13.91 1.53 23.49
C SER C 176 14.02 0.20 24.20
N MET C 177 12.94 -0.59 24.14
CA MET C 177 12.97 -1.91 24.74
C MET C 177 14.14 -2.72 24.19
N VAL C 178 14.23 -2.77 22.87
CA VAL C 178 15.28 -3.55 22.22
C VAL C 178 16.64 -3.00 22.61
N ARG C 179 16.78 -1.68 22.56
CA ARG C 179 18.04 -1.04 22.95
C ARG C 179 18.35 -1.32 24.41
N ALA C 180 17.35 -1.21 25.29
CA ALA C 180 17.72 -1.47 26.69
C ALA C 180 18.16 -2.91 26.89
N LEU C 181 17.51 -3.85 26.20
CA LEU C 181 17.91 -5.25 26.43
C LEU C 181 19.32 -5.44 25.88
N ASP C 182 19.59 -4.82 24.73
CA ASP C 182 20.93 -4.99 24.14
C ASP C 182 22.02 -4.50 25.08
N GLU C 183 21.78 -3.36 25.71
CA GLU C 183 22.72 -2.76 26.66
C GLU C 183 22.90 -3.65 27.87
N ALA C 184 21.80 -4.20 28.40
CA ALA C 184 21.84 -5.19 29.47
C ALA C 184 22.76 -6.35 29.08
N MET C 185 22.65 -6.83 27.84
CA MET C 185 23.44 -7.99 27.44
C MET C 185 24.90 -7.57 27.23
N ASN C 186 25.10 -6.45 26.55
CA ASN C 186 26.43 -5.89 26.34
C ASN C 186 27.15 -5.59 27.64
N LYS C 187 26.45 -5.13 28.67
CA LYS C 187 27.04 -4.86 29.96
C LYS C 187 27.77 -6.07 30.55
N LEU C 188 27.38 -7.26 30.11
CA LEU C 188 27.92 -8.52 30.60
C LEU C 188 29.35 -8.74 30.11
N GLN C 189 29.66 -8.19 28.95
CA GLN C 189 30.96 -8.48 28.34
C GLN C 189 31.94 -7.32 28.50
N ARG C 190 31.50 -6.34 29.28
CA ARG C 190 32.23 -5.10 29.46
C ARG C 190 33.31 -5.20 30.54
N ALA C 191 34.57 -5.14 30.12
CA ALA C 191 35.73 -5.18 30.98
C ALA C 191 35.89 -3.93 31.85
N ASN C 192 35.57 -2.77 31.28
CA ASN C 192 35.71 -1.49 31.94
C ASN C 192 34.39 -0.72 31.83
N PRO C 193 33.47 -1.05 32.71
CA PRO C 193 32.11 -0.53 32.64
C PRO C 193 32.07 0.99 32.82
N ASP C 194 32.98 1.50 33.65
CA ASP C 194 32.91 2.95 33.93
C ASP C 194 33.85 3.74 33.05
N ASP C 195 34.38 3.11 32.00
CA ASP C 195 35.11 3.89 31.00
C ASP C 195 34.15 4.97 30.48
N PRO C 196 34.70 6.16 30.26
CA PRO C 196 33.94 7.31 29.76
C PRO C 196 33.29 7.03 28.41
N ALA C 197 33.82 6.03 27.69
CA ALA C 197 33.11 5.65 26.48
C ALA C 197 31.71 5.12 26.79
N TYR C 198 31.43 4.70 28.03
CA TYR C 198 30.10 4.12 28.27
C TYR C 198 29.12 5.13 28.84
N ASP C 199 29.55 6.38 28.93
CA ASP C 199 28.68 7.40 29.52
C ASP C 199 27.41 7.61 28.71
N GLU C 200 27.51 7.63 27.39
CA GLU C 200 26.29 7.77 26.59
C GLU C 200 25.39 6.55 26.70
N ASN C 201 25.97 5.37 26.81
CA ASN C 201 25.18 4.14 26.95
C ASN C 201 24.27 4.25 28.17
N LYS C 202 24.90 4.71 29.25
CA LYS C 202 24.22 4.89 30.52
C LYS C 202 23.07 5.89 30.43
N ARG C 203 23.30 7.05 29.81
CA ARG C 203 22.24 8.03 29.65
C ARG C 203 21.12 7.49 28.76
N GLN C 204 21.54 6.86 27.65
CA GLN C 204 20.55 6.30 26.73
C GLN C 204 19.75 5.24 27.49
N PHE C 205 20.47 4.46 28.29
CA PHE C 205 19.78 3.46 29.11
C PHE C 205 18.69 4.13 29.94
N GLN C 206 19.01 5.21 30.65
CA GLN C 206 17.95 5.83 31.47
C GLN C 206 16.86 6.42 30.57
N GLU C 207 17.24 6.86 29.37
CA GLU C 207 16.23 7.45 28.49
C GLU C 207 15.22 6.41 28.02
N ASP C 208 15.72 5.22 27.77
CA ASP C 208 14.92 4.10 27.28
C ASP C 208 13.92 3.61 28.34
N ILE C 209 14.36 3.55 29.59
CA ILE C 209 13.48 3.15 30.70
C ILE C 209 12.32 4.12 30.83
N LYS C 210 12.64 5.42 30.73
CA LYS C 210 11.58 6.41 30.82
C LYS C 210 10.60 6.24 29.68
N VAL C 211 11.14 5.94 28.49
CA VAL C 211 10.23 5.77 27.34
C VAL C 211 9.27 4.62 27.64
N MET C 212 9.84 3.48 28.03
CA MET C 212 9.03 2.30 28.31
C MET C 212 8.02 2.53 29.42
N ASN C 213 8.50 3.07 30.54
CA ASN C 213 7.61 3.27 31.68
C ASN C 213 6.51 4.26 31.34
N ASP C 214 6.90 5.35 30.68
CA ASP C 214 5.95 6.42 30.37
C ASP C 214 4.85 5.90 29.46
N LEU C 215 5.22 5.02 28.51
CA LEU C 215 4.15 4.54 27.62
C LEU C 215 3.26 3.55 28.35
N VAL C 216 3.87 2.67 29.14
CA VAL C 216 3.09 1.62 29.77
C VAL C 216 2.25 2.15 30.94
N ASP C 217 2.82 3.10 31.66
CA ASP C 217 2.14 3.75 32.78
C ASP C 217 0.88 4.49 32.34
N LYS C 218 0.92 5.03 31.13
CA LYS C 218 -0.17 5.75 30.48
C LYS C 218 -1.25 4.79 30.00
N ILE C 219 -0.87 3.75 29.27
CA ILE C 219 -1.85 2.75 28.87
C ILE C 219 -2.60 2.20 30.08
N ILE C 220 -1.93 1.97 31.19
CA ILE C 220 -2.59 1.43 32.39
C ILE C 220 -3.63 2.39 32.98
N ALA C 221 -3.24 3.65 33.17
CA ALA C 221 -4.16 4.63 33.73
C ALA C 221 -5.38 4.81 32.83
N ASP C 222 -5.16 4.92 31.53
CA ASP C 222 -6.28 5.06 30.60
C ASP C 222 -7.28 3.93 30.77
N ARG C 223 -6.77 2.71 30.93
CA ARG C 223 -7.67 1.56 31.06
C ARG C 223 -8.38 1.61 32.40
N LYS C 224 -7.67 2.04 33.44
CA LYS C 224 -8.26 2.13 34.77
C LYS C 224 -9.46 3.08 34.76
N ALA C 225 -9.31 4.19 34.04
CA ALA C 225 -10.37 5.18 33.89
C ALA C 225 -11.41 4.73 32.88
N SER C 226 -11.08 3.71 32.09
CA SER C 226 -11.97 3.17 31.07
C SER C 226 -13.22 2.53 31.66
N GLY C 227 -14.38 2.93 31.15
CA GLY C 227 -15.66 2.41 31.54
C GLY C 227 -16.33 1.56 30.48
N GLU C 228 -15.59 0.58 29.97
CA GLU C 228 -16.05 -0.39 28.98
C GLU C 228 -14.94 -1.39 28.67
N GLN C 229 -14.09 -1.62 29.66
CA GLN C 229 -12.94 -2.48 29.63
C GLN C 229 -13.16 -3.76 28.83
N SER C 230 -12.05 -4.47 28.63
CA SER C 230 -12.01 -5.71 27.87
C SER C 230 -11.83 -6.93 28.79
N ASP C 231 -11.17 -7.92 28.23
CA ASP C 231 -10.80 -9.18 28.85
C ASP C 231 -9.43 -9.63 28.33
N ASP C 232 -8.44 -8.76 28.53
CA ASP C 232 -7.07 -9.10 28.12
C ASP C 232 -6.20 -9.20 29.38
N LEU C 233 -4.88 -9.25 29.22
CA LEU C 233 -4.03 -9.47 30.39
C LEU C 233 -4.10 -8.28 31.33
N LEU C 234 -4.20 -7.09 30.73
CA LEU C 234 -4.31 -5.85 31.49
C LEU C 234 -5.57 -5.80 32.34
N THR C 235 -6.71 -6.26 31.81
CA THR C 235 -7.90 -6.22 32.67
C THR C 235 -7.82 -7.33 33.70
N HIS C 236 -7.30 -8.51 33.33
CA HIS C 236 -7.16 -9.58 34.31
C HIS C 236 -6.25 -9.15 35.47
N MET C 237 -5.21 -8.40 35.16
CA MET C 237 -4.33 -7.83 36.17
C MET C 237 -4.99 -6.73 36.97
N LEU C 238 -5.76 -5.87 36.31
CA LEU C 238 -6.42 -4.80 37.06
C LEU C 238 -7.47 -5.34 38.04
N ASN C 239 -8.05 -6.51 37.76
CA ASN C 239 -9.10 -7.05 38.60
C ASN C 239 -8.64 -8.21 39.47
N GLY C 240 -7.45 -8.75 39.24
CA GLY C 240 -6.97 -9.89 39.99
C GLY C 240 -6.67 -9.50 41.44
N LYS C 241 -6.92 -10.40 42.38
CA LYS C 241 -6.66 -10.18 43.79
C LYS C 241 -5.77 -11.26 44.42
N ASP C 242 -4.92 -10.80 45.33
CA ASP C 242 -4.12 -11.64 46.21
C ASP C 242 -5.01 -12.23 47.30
N PRO C 243 -5.23 -13.53 47.23
CA PRO C 243 -6.07 -14.30 48.16
C PRO C 243 -5.97 -13.80 49.59
N GLU C 244 -4.75 -13.81 50.12
CA GLU C 244 -4.51 -13.35 51.48
C GLU C 244 -4.88 -11.88 51.64
N THR C 245 -4.10 -11.00 51.02
CA THR C 245 -4.24 -9.57 51.21
C THR C 245 -5.57 -9.02 50.71
N GLY C 246 -6.19 -9.72 49.77
CA GLY C 246 -7.42 -9.27 49.16
C GLY C 246 -7.22 -8.06 48.28
N GLU C 247 -6.01 -7.92 47.73
CA GLU C 247 -5.72 -6.74 46.91
C GLU C 247 -5.03 -7.18 45.61
N PRO C 248 -5.04 -6.30 44.61
CA PRO C 248 -4.44 -6.64 43.32
C PRO C 248 -2.98 -6.21 43.24
N LEU C 249 -2.35 -6.46 42.10
CA LEU C 249 -1.00 -5.92 41.96
C LEU C 249 -1.10 -4.41 41.85
N ASP C 250 -0.17 -3.64 42.41
CA ASP C 250 -0.23 -2.19 42.21
C ASP C 250 0.20 -1.84 40.79
N ASP C 251 -0.14 -0.64 40.32
CA ASP C 251 0.07 -0.27 38.92
C ASP C 251 1.51 -0.31 38.47
N GLU C 252 2.50 -0.23 39.36
CA GLU C 252 3.90 -0.32 38.92
C GLU C 252 4.28 -1.74 38.51
N ASN C 253 3.87 -2.71 39.32
CA ASN C 253 4.12 -4.11 39.03
C ASN C 253 3.42 -4.53 37.74
N ILE C 254 2.18 -4.10 37.56
CA ILE C 254 1.43 -4.36 36.33
C ILE C 254 2.26 -3.84 35.16
N ARG C 255 2.79 -2.63 35.29
CA ARG C 255 3.65 -2.08 34.25
C ARG C 255 4.88 -2.97 34.05
N TYR C 256 5.48 -3.41 35.16
CA TYR C 256 6.60 -4.33 35.04
C TYR C 256 6.25 -5.64 34.34
N GLN C 257 5.08 -6.21 34.61
CA GLN C 257 4.62 -7.43 33.97
C GLN C 257 4.40 -7.22 32.46
N ILE C 258 3.91 -6.03 32.09
CA ILE C 258 3.66 -5.78 30.66
C ILE C 258 4.98 -5.76 29.91
N ILE C 259 5.93 -4.99 30.44
CA ILE C 259 7.27 -4.96 29.87
C ILE C 259 7.87 -6.37 29.85
N THR C 260 7.55 -7.13 30.89
CA THR C 260 8.09 -8.48 31.03
C THR C 260 7.53 -9.37 29.93
N PHE C 261 6.23 -9.31 29.64
CA PHE C 261 5.73 -10.21 28.60
C PHE C 261 6.38 -9.90 27.25
N LEU C 262 6.61 -8.62 26.93
CA LEU C 262 7.21 -8.28 25.63
C LEU C 262 8.63 -8.82 25.57
N ILE C 263 9.39 -8.55 26.63
CA ILE C 263 10.77 -8.99 26.73
C ILE C 263 10.89 -10.50 26.62
N ALA C 264 10.08 -11.22 27.41
CA ALA C 264 10.29 -12.66 27.55
C ALA C 264 9.76 -13.44 26.37
N GLY C 265 8.76 -12.89 25.66
CA GLY C 265 8.22 -13.66 24.56
C GLY C 265 8.59 -13.21 23.18
N HIS C 266 9.14 -12.01 23.02
CA HIS C 266 9.29 -11.51 21.65
C HIS C 266 10.34 -12.29 20.87
N GLU C 267 11.52 -12.53 21.42
CA GLU C 267 12.57 -13.19 20.63
C GLU C 267 12.58 -14.69 20.84
N THR C 268 12.07 -15.12 22.01
CA THR C 268 11.96 -16.54 22.20
C THR C 268 11.02 -17.14 21.14
N THR C 269 9.85 -16.52 20.99
CA THR C 269 8.88 -17.08 20.05
C THR C 269 9.34 -16.91 18.60
N SER C 270 9.95 -15.74 18.33
CA SER C 270 10.32 -15.47 16.93
C SER C 270 11.43 -16.42 16.51
N GLY C 271 12.29 -16.80 17.45
CA GLY C 271 13.38 -17.71 17.23
C GLY C 271 12.89 -19.10 16.87
N LEU C 272 11.82 -19.50 17.54
CA LEU C 272 11.19 -20.80 17.36
C LEU C 272 10.68 -20.94 15.94
N LEU C 273 9.93 -19.90 15.57
CA LEU C 273 9.41 -19.80 14.21
C LEU C 273 10.53 -19.77 13.18
N SER C 274 11.56 -19.00 13.48
CA SER C 274 12.71 -18.93 12.57
C SER C 274 13.44 -20.26 12.46
N PHE C 275 13.72 -20.92 13.59
CA PHE C 275 14.43 -22.19 13.47
C PHE C 275 13.56 -23.23 12.78
N ALA C 276 12.26 -23.17 13.08
CA ALA C 276 11.33 -24.15 12.51
C ALA C 276 11.33 -23.99 11.00
N LEU C 277 11.28 -22.77 10.48
CA LEU C 277 11.31 -22.59 9.02
C LEU C 277 12.67 -22.99 8.47
N TYR C 278 13.72 -22.76 9.27
CA TYR C 278 15.06 -23.14 8.83
C TYR C 278 15.10 -24.63 8.54
N PHE C 279 14.69 -25.41 9.55
CA PHE C 279 14.77 -26.86 9.47
C PHE C 279 13.81 -27.42 8.43
N LEU C 280 12.75 -26.68 8.11
CA LEU C 280 11.83 -27.15 7.07
C LEU C 280 12.44 -26.97 5.69
N VAL C 281 13.02 -25.80 5.41
CA VAL C 281 13.56 -25.68 4.06
C VAL C 281 14.80 -26.57 3.92
N LYS C 282 15.44 -26.94 5.02
CA LYS C 282 16.63 -27.79 4.88
C LYS C 282 16.20 -29.26 4.78
N ASN C 283 14.96 -29.50 5.18
CA ASN C 283 14.36 -30.83 5.18
C ASN C 283 13.04 -30.76 4.39
N PRO C 284 13.18 -30.69 3.07
CA PRO C 284 12.07 -30.43 2.15
C PRO C 284 10.95 -31.48 2.23
N HIS C 285 11.28 -32.74 2.49
CA HIS C 285 10.15 -33.68 2.60
C HIS C 285 9.43 -33.48 3.91
N VAL C 286 10.09 -32.92 4.93
CA VAL C 286 9.31 -32.60 6.14
C VAL C 286 8.48 -31.34 5.87
N LEU C 287 9.02 -30.38 5.13
CA LEU C 287 8.19 -29.21 4.76
C LEU C 287 6.91 -29.70 4.10
N GLN C 288 7.05 -30.55 3.10
CA GLN C 288 5.89 -30.99 2.32
C GLN C 288 4.79 -31.60 3.19
N LYS C 289 5.22 -32.53 4.04
CA LYS C 289 4.33 -33.17 5.01
C LYS C 289 3.67 -32.13 5.91
N ALA C 290 4.40 -31.11 6.36
CA ALA C 290 3.77 -30.08 7.19
C ALA C 290 2.79 -29.27 6.34
N ALA C 291 3.22 -28.91 5.14
CA ALA C 291 2.35 -28.16 4.23
C ALA C 291 1.12 -28.94 3.78
N GLU C 292 1.27 -30.25 3.64
CA GLU C 292 0.09 -31.03 3.27
C GLU C 292 -0.91 -31.02 4.42
N GLU C 293 -0.47 -30.97 5.67
CA GLU C 293 -1.38 -30.86 6.82
C GLU C 293 -2.03 -29.49 6.91
N ALA C 294 -1.29 -28.40 6.69
CA ALA C 294 -1.92 -27.08 6.67
C ALA C 294 -3.02 -26.96 5.62
N ALA C 295 -2.75 -27.49 4.43
CA ALA C 295 -3.77 -27.42 3.38
C ALA C 295 -5.04 -28.20 3.74
N ARG C 296 -4.86 -29.38 4.33
CA ARG C 296 -5.99 -30.22 4.67
C ARG C 296 -6.81 -29.61 5.80
N VAL C 297 -6.08 -29.06 6.79
CA VAL C 297 -6.78 -28.59 7.96
C VAL C 297 -7.20 -27.14 7.83
N LEU C 298 -6.38 -26.28 7.21
CA LEU C 298 -6.80 -24.87 7.18
C LEU C 298 -7.71 -24.59 5.99
N VAL C 299 -8.96 -25.04 6.10
CA VAL C 299 -9.91 -25.00 4.98
C VAL C 299 -10.80 -23.78 4.99
N ASP C 300 -10.54 -22.83 5.89
CA ASP C 300 -11.30 -21.57 5.85
C ASP C 300 -10.34 -20.43 5.52
N PRO C 301 -10.85 -19.31 4.99
CA PRO C 301 -9.96 -18.20 4.63
C PRO C 301 -9.16 -17.72 5.85
N VAL C 302 -9.74 -17.84 7.04
CA VAL C 302 -8.99 -17.48 8.24
C VAL C 302 -9.03 -18.68 9.18
N PRO C 303 -7.91 -18.98 9.82
CA PRO C 303 -7.88 -20.15 10.71
C PRO C 303 -8.78 -19.98 11.94
N SER C 304 -9.42 -21.07 12.34
CA SER C 304 -10.15 -21.10 13.60
C SER C 304 -9.29 -21.72 14.70
N TYR C 305 -9.70 -21.49 15.95
CA TYR C 305 -8.97 -22.05 17.09
C TYR C 305 -8.93 -23.57 17.05
N LYS C 306 -10.05 -24.22 16.75
CA LYS C 306 -10.07 -25.67 16.66
C LYS C 306 -9.05 -26.15 15.64
N GLN C 307 -9.06 -25.47 14.50
CA GLN C 307 -8.22 -25.87 13.38
C GLN C 307 -6.75 -25.79 13.80
N VAL C 308 -6.40 -24.72 14.49
CA VAL C 308 -5.01 -24.64 14.95
C VAL C 308 -4.71 -25.85 15.82
N LYS C 309 -5.69 -26.24 16.65
CA LYS C 309 -5.48 -27.41 17.49
C LYS C 309 -5.32 -28.71 16.70
N GLN C 310 -5.77 -28.71 15.44
CA GLN C 310 -5.68 -29.91 14.63
C GLN C 310 -4.35 -29.99 13.89
N LEU C 311 -3.51 -28.95 14.02
CA LEU C 311 -2.21 -28.98 13.35
C LEU C 311 -1.20 -29.77 14.18
N LYS C 312 -1.33 -31.10 14.21
CA LYS C 312 -0.47 -31.92 15.05
C LYS C 312 0.95 -32.04 14.51
N TYR C 313 1.12 -32.21 13.20
CA TYR C 313 2.48 -32.36 12.68
C TYR C 313 3.20 -31.02 12.71
N VAL C 314 2.47 -29.92 12.54
CA VAL C 314 3.08 -28.59 12.67
C VAL C 314 3.48 -28.38 14.13
N GLY C 315 2.66 -28.91 15.03
CA GLY C 315 2.98 -28.96 16.45
C GLY C 315 4.25 -29.76 16.75
N MET C 316 4.52 -30.84 16.03
CA MET C 316 5.69 -31.69 16.20
C MET C 316 6.94 -31.08 15.60
N VAL C 317 6.76 -30.36 14.49
CA VAL C 317 7.84 -29.63 13.85
C VAL C 317 8.45 -28.61 14.79
N LEU C 318 7.57 -27.86 15.45
CA LEU C 318 7.96 -26.87 16.43
C LEU C 318 8.65 -27.50 17.64
N ASN C 319 8.12 -28.63 18.12
CA ASN C 319 8.72 -29.29 19.28
C ASN C 319 10.11 -29.80 18.91
N GLU C 320 10.30 -30.15 17.65
CA GLU C 320 11.62 -30.68 17.26
C GLU C 320 12.62 -29.53 17.10
N ALA C 321 12.17 -28.36 16.65
CA ALA C 321 13.05 -27.20 16.60
C ALA C 321 13.45 -26.75 18.00
N LEU C 322 12.53 -26.79 18.94
CA LEU C 322 12.74 -26.51 20.35
C LEU C 322 13.70 -27.52 20.98
N ARG C 323 13.69 -28.73 20.43
CA ARG C 323 14.55 -29.76 20.98
C ARG C 323 15.99 -29.52 20.57
N LEU C 324 16.21 -29.16 19.32
CA LEU C 324 17.56 -28.95 18.80
C LEU C 324 18.06 -27.57 19.21
N TRP C 325 17.24 -26.52 19.09
CA TRP C 325 17.68 -25.19 19.53
C TRP C 325 16.59 -24.47 20.31
N PRO C 326 16.42 -24.86 21.57
CA PRO C 326 15.45 -24.17 22.42
C PRO C 326 15.88 -22.73 22.54
N THR C 327 15.01 -21.79 22.21
CA THR C 327 15.47 -20.41 22.05
C THR C 327 15.76 -19.63 23.33
N ALA C 328 15.44 -20.17 24.50
CA ALA C 328 15.90 -19.72 25.81
C ALA C 328 16.74 -20.85 26.40
N PRO C 329 17.97 -20.90 25.91
CA PRO C 329 18.82 -22.08 25.95
C PRO C 329 19.28 -22.50 27.34
N ALA C 330 19.10 -21.66 28.35
CA ALA C 330 19.59 -22.05 29.67
C ALA C 330 18.75 -21.45 30.79
N PHE C 331 18.72 -22.15 31.92
CA PHE C 331 18.10 -21.58 33.12
C PHE C 331 18.99 -21.93 34.31
N SER C 332 18.95 -21.03 35.29
CA SER C 332 19.83 -21.12 36.45
C SER C 332 19.05 -21.44 37.72
N LEU C 333 19.66 -22.28 38.55
CA LEU C 333 19.14 -22.77 39.81
C LEU C 333 20.19 -22.62 40.91
N TYR C 334 19.75 -22.66 42.16
CA TYR C 334 20.62 -22.61 43.33
C TYR C 334 20.24 -23.70 44.33
N ALA C 335 21.22 -24.29 44.99
CA ALA C 335 20.90 -25.27 46.04
C ALA C 335 20.31 -24.53 47.25
N LYS C 336 19.09 -24.91 47.63
CA LYS C 336 18.45 -24.28 48.78
C LYS C 336 19.08 -24.74 50.10
N GLU C 337 19.91 -25.77 50.04
CA GLU C 337 20.59 -26.36 51.18
C GLU C 337 21.73 -27.26 50.71
N ASP C 338 22.60 -27.66 51.63
CA ASP C 338 23.62 -28.65 51.29
C ASP C 338 22.93 -29.92 50.81
N THR C 339 23.46 -30.55 49.77
CA THR C 339 22.85 -31.75 49.21
C THR C 339 23.82 -32.42 48.24
N VAL C 340 23.52 -33.65 47.87
CA VAL C 340 24.36 -34.38 46.92
C VAL C 340 23.56 -34.61 45.64
N LEU C 341 24.20 -34.35 44.51
CA LEU C 341 23.61 -34.56 43.19
C LEU C 341 24.09 -35.88 42.61
N GLY C 342 23.17 -36.65 42.03
CA GLY C 342 23.46 -37.93 41.42
C GLY C 342 24.12 -38.91 42.39
N GLY C 343 23.93 -38.67 43.68
CA GLY C 343 24.55 -39.45 44.72
C GLY C 343 26.05 -39.35 44.77
N GLU C 344 26.66 -38.37 44.10
CA GLU C 344 28.12 -38.37 44.16
C GLU C 344 28.76 -37.00 43.97
N TYR C 345 27.98 -35.96 43.76
CA TYR C 345 28.52 -34.62 43.61
C TYR C 345 27.93 -33.69 44.67
N PRO C 346 28.66 -33.45 45.75
CA PRO C 346 28.17 -32.66 46.86
C PRO C 346 28.05 -31.18 46.50
N LEU C 347 26.97 -30.55 46.95
CA LEU C 347 26.67 -29.14 46.75
C LEU C 347 26.55 -28.39 48.07
N GLU C 348 27.09 -27.17 48.15
CA GLU C 348 26.81 -26.30 49.28
C GLU C 348 25.59 -25.43 49.02
N LYS C 349 24.88 -25.12 50.08
CA LYS C 349 23.76 -24.18 50.02
C LYS C 349 24.13 -22.93 49.24
N GLY C 350 23.35 -22.58 48.21
CA GLY C 350 23.63 -21.39 47.43
C GLY C 350 24.38 -21.68 46.14
N ASP C 351 25.00 -22.86 46.00
CA ASP C 351 25.67 -23.22 44.75
C ASP C 351 24.71 -23.22 43.57
N GLU C 352 25.11 -22.52 42.52
CA GLU C 352 24.35 -22.36 41.30
C GLU C 352 24.52 -23.57 40.39
N LEU C 353 23.38 -23.99 39.84
CA LEU C 353 23.42 -25.04 38.81
C LEU C 353 22.99 -24.41 37.49
N MET C 354 23.68 -24.70 36.40
CA MET C 354 23.18 -24.19 35.12
C MET C 354 22.74 -25.34 34.22
N VAL C 355 21.48 -25.25 33.79
CA VAL C 355 20.90 -26.32 32.98
C VAL C 355 21.09 -25.99 31.50
N LEU C 356 21.89 -26.79 30.80
CA LEU C 356 22.09 -26.54 29.38
C LEU C 356 21.02 -27.28 28.57
N ILE C 357 19.92 -26.58 28.30
CA ILE C 357 18.80 -27.26 27.65
C ILE C 357 19.21 -27.88 26.33
N PRO C 358 19.97 -27.30 25.42
CA PRO C 358 20.27 -28.00 24.15
C PRO C 358 21.04 -29.29 24.37
N GLN C 359 21.90 -29.36 25.38
CA GLN C 359 22.64 -30.59 25.65
C GLN C 359 21.72 -31.69 26.17
N LEU C 360 20.83 -31.27 27.08
CA LEU C 360 19.83 -32.17 27.66
C LEU C 360 19.03 -32.84 26.55
N HIS C 361 18.58 -32.02 25.61
CA HIS C 361 17.81 -32.42 24.46
C HIS C 361 18.60 -33.32 23.51
N ARG C 362 19.88 -33.56 23.77
CA ARG C 362 20.67 -34.46 22.93
C ARG C 362 21.14 -35.63 23.79
N ASP C 363 20.48 -35.80 24.93
CA ASP C 363 20.88 -36.92 25.80
C ASP C 363 20.58 -38.23 25.08
N LYS C 364 21.62 -38.91 24.61
CA LYS C 364 21.49 -40.15 23.85
C LYS C 364 20.81 -41.27 24.61
N THR C 365 20.92 -41.44 25.92
CA THR C 365 20.17 -42.52 26.56
C THR C 365 18.67 -42.21 26.64
N ILE C 366 18.25 -41.05 26.15
CA ILE C 366 16.85 -40.66 26.13
C ILE C 366 16.30 -40.64 24.70
N TRP C 367 16.95 -39.86 23.84
CA TRP C 367 16.51 -39.63 22.47
C TRP C 367 17.09 -40.60 21.46
N GLY C 368 18.03 -41.47 21.86
CA GLY C 368 18.62 -42.38 20.91
C GLY C 368 19.89 -41.83 20.28
N ASP C 369 20.32 -42.44 19.19
CA ASP C 369 21.61 -42.15 18.57
C ASP C 369 21.59 -41.12 17.46
N ASP C 370 20.42 -40.60 17.04
CA ASP C 370 20.41 -39.61 15.98
C ASP C 370 19.97 -38.25 16.49
N VAL C 371 20.68 -37.73 17.50
CA VAL C 371 20.20 -36.55 18.21
C VAL C 371 20.40 -35.28 17.42
N GLU C 372 21.22 -35.26 16.36
CA GLU C 372 21.32 -34.02 15.59
C GLU C 372 20.36 -34.00 14.42
N GLU C 373 19.66 -35.11 14.21
CA GLU C 373 18.67 -35.21 13.15
C GLU C 373 17.37 -34.49 13.53
N PHE C 374 16.79 -33.84 12.54
CA PHE C 374 15.53 -33.13 12.65
C PHE C 374 14.39 -34.07 12.25
N ARG C 375 13.82 -34.71 13.26
CA ARG C 375 12.83 -35.76 13.13
C ARG C 375 11.58 -35.49 13.96
N PRO C 376 10.64 -34.73 13.42
CA PRO C 376 9.44 -34.36 14.19
C PRO C 376 8.70 -35.59 14.71
N GLU C 377 8.85 -36.71 14.01
CA GLU C 377 8.27 -37.99 14.40
C GLU C 377 8.58 -38.39 15.84
N ARG C 378 9.69 -37.91 16.40
CA ARG C 378 10.04 -38.19 17.80
C ARG C 378 8.88 -37.87 18.74
N PHE C 379 8.04 -36.90 18.38
CA PHE C 379 6.99 -36.37 19.23
C PHE C 379 5.64 -36.99 18.91
N GLU C 380 5.69 -38.04 18.09
CA GLU C 380 4.49 -38.77 17.74
C GLU C 380 3.67 -39.24 18.94
N ASN C 381 4.35 -39.76 19.94
CA ASN C 381 3.80 -40.27 21.19
C ASN C 381 4.45 -39.60 22.40
N PRO C 382 3.92 -38.44 22.78
CA PRO C 382 4.49 -37.63 23.87
C PRO C 382 4.59 -38.39 25.18
N SER C 383 3.65 -39.28 25.47
CA SER C 383 3.70 -40.17 26.62
C SER C 383 4.97 -40.99 26.65
N ALA C 384 5.57 -41.21 25.47
CA ALA C 384 6.86 -41.88 25.43
C ALA C 384 7.91 -41.12 26.24
N ILE C 385 7.88 -39.79 26.17
CA ILE C 385 8.93 -38.95 26.74
C ILE C 385 8.93 -38.85 28.25
N PRO C 386 10.05 -39.28 28.85
CA PRO C 386 10.22 -39.24 30.30
C PRO C 386 10.22 -37.80 30.83
N GLN C 387 9.69 -37.68 32.03
CA GLN C 387 9.71 -36.45 32.82
C GLN C 387 11.09 -35.81 32.80
N HIS C 388 11.14 -34.50 32.57
CA HIS C 388 12.38 -33.73 32.61
C HIS C 388 13.36 -34.08 31.51
N ALA C 389 12.90 -34.73 30.44
CA ALA C 389 13.74 -35.03 29.29
C ALA C 389 13.69 -33.93 28.23
N PHE C 390 12.59 -33.20 28.17
CA PHE C 390 12.32 -32.12 27.22
C PHE C 390 11.86 -30.90 28.01
N LYS C 391 12.69 -29.87 28.10
CA LYS C 391 12.38 -28.73 28.96
C LYS C 391 12.63 -27.38 28.33
N PRO C 392 12.12 -27.11 27.13
CA PRO C 392 12.37 -25.80 26.52
C PRO C 392 11.67 -24.66 27.23
N PHE C 393 10.75 -24.93 28.14
CA PHE C 393 10.03 -23.85 28.81
C PHE C 393 10.34 -23.83 30.30
N GLY C 394 11.44 -24.48 30.67
CA GLY C 394 11.85 -24.39 32.06
C GLY C 394 11.22 -25.48 32.90
N ASN C 395 11.12 -25.21 34.19
CA ASN C 395 10.72 -26.14 35.23
C ASN C 395 9.79 -25.58 36.30
N GLY C 396 8.79 -26.41 36.60
CA GLY C 396 7.91 -26.27 37.74
C GLY C 396 7.22 -24.94 37.87
N GLN C 397 7.13 -24.42 39.10
CA GLN C 397 6.39 -23.16 39.22
C GLN C 397 7.14 -22.03 38.56
N ARG C 398 8.44 -22.20 38.30
CA ARG C 398 9.09 -21.10 37.58
C ARG C 398 9.18 -21.39 36.10
N ALA C 399 8.33 -22.27 35.57
CA ALA C 399 8.35 -22.53 34.13
C ALA C 399 7.85 -21.33 33.35
N CYS C 400 7.91 -21.38 32.03
CA CYS C 400 7.42 -20.25 31.23
C CYS C 400 5.92 -20.10 31.36
N ILE C 401 5.44 -19.00 31.94
CA ILE C 401 4.00 -18.85 32.00
C ILE C 401 3.41 -18.68 30.60
N GLY C 402 4.23 -18.31 29.61
CA GLY C 402 3.68 -18.00 28.29
C GLY C 402 3.81 -19.16 27.33
N GLN C 403 3.97 -20.40 27.78
CA GLN C 403 4.17 -21.55 26.91
C GLN C 403 3.00 -21.78 25.97
N GLN C 404 1.77 -21.80 26.48
CA GLN C 404 0.60 -21.96 25.64
C GLN C 404 0.44 -20.85 24.61
N PHE C 405 0.61 -19.62 25.06
CA PHE C 405 0.51 -18.46 24.18
C PHE C 405 1.45 -18.60 23.00
N ALA C 406 2.71 -18.89 23.32
CA ALA C 406 3.79 -19.06 22.38
C ALA C 406 3.52 -20.16 21.36
N LEU C 407 3.08 -21.29 21.89
CA LEU C 407 2.84 -22.44 21.01
C LEU C 407 1.59 -22.20 20.18
N HIS C 408 0.61 -21.49 20.73
CA HIS C 408 -0.58 -21.22 19.92
C HIS C 408 -0.19 -20.22 18.83
N GLU C 409 0.60 -19.22 19.18
CA GLU C 409 1.03 -18.31 18.13
C GLU C 409 1.83 -18.99 17.02
N ALA C 410 2.77 -19.82 17.44
CA ALA C 410 3.69 -20.38 16.45
C ALA C 410 3.00 -21.38 15.53
N THR C 411 2.10 -22.19 16.08
CA THR C 411 1.35 -23.18 15.33
C THR C 411 0.44 -22.51 14.29
N LEU C 412 -0.34 -21.55 14.76
CA LEU C 412 -1.16 -20.71 13.89
C LEU C 412 -0.34 -20.08 12.78
N VAL C 413 0.76 -19.41 13.10
CA VAL C 413 1.54 -18.69 12.08
C VAL C 413 2.26 -19.62 11.12
N LEU C 414 2.91 -20.66 11.65
CA LEU C 414 3.61 -21.59 10.77
C LEU C 414 2.61 -22.28 9.83
N GLY C 415 1.45 -22.65 10.38
CA GLY C 415 0.40 -23.26 9.58
C GLY C 415 -0.02 -22.34 8.45
N MET C 416 -0.36 -21.09 8.77
CA MET C 416 -0.73 -20.15 7.71
C MET C 416 0.42 -19.96 6.73
N MET C 417 1.66 -19.99 7.24
CA MET C 417 2.79 -19.82 6.32
C MET C 417 2.83 -20.93 5.27
N LEU C 418 2.70 -22.15 5.77
CA LEU C 418 2.81 -23.35 4.95
C LEU C 418 1.62 -23.51 3.99
N LYS C 419 0.47 -22.98 4.37
CA LYS C 419 -0.71 -22.93 3.53
C LYS C 419 -0.52 -21.97 2.35
N HIS C 420 -0.05 -20.76 2.63
CA HIS C 420 -0.09 -19.73 1.60
C HIS C 420 1.14 -19.65 0.69
N PHE C 421 2.26 -20.27 1.03
CA PHE C 421 3.46 -20.12 0.25
C PHE C 421 4.36 -21.35 0.19
N ASP C 422 5.09 -21.42 -0.91
CA ASP C 422 6.23 -22.30 -1.07
C ASP C 422 7.50 -21.56 -0.68
N PHE C 423 8.47 -22.22 -0.05
CA PHE C 423 9.66 -21.49 0.40
C PHE C 423 10.92 -21.94 -0.32
N GLU C 424 11.74 -20.96 -0.68
CA GLU C 424 13.01 -21.36 -1.31
C GLU C 424 14.18 -20.84 -0.47
N ASP C 425 15.12 -21.72 -0.15
CA ASP C 425 16.39 -21.35 0.51
C ASP C 425 17.36 -20.88 -0.57
N HIS C 426 17.02 -19.73 -1.14
CA HIS C 426 17.71 -19.20 -2.31
C HIS C 426 19.18 -18.93 -2.04
N THR C 427 19.58 -18.66 -0.80
CA THR C 427 21.01 -18.38 -0.57
C THR C 427 21.75 -19.63 -0.10
N ASN C 428 20.96 -20.70 0.12
CA ASN C 428 21.58 -21.88 0.74
C ASN C 428 22.25 -21.45 2.05
N TYR C 429 21.39 -20.94 2.93
CA TYR C 429 21.84 -20.34 4.18
C TYR C 429 22.66 -21.31 5.03
N GLU C 430 23.80 -20.84 5.52
CA GLU C 430 24.62 -21.54 6.49
C GLU C 430 24.21 -21.13 7.90
N LEU C 431 23.75 -22.09 8.69
CA LEU C 431 23.27 -21.77 10.04
C LEU C 431 24.36 -21.05 10.85
N ASP C 432 23.98 -19.91 11.42
CA ASP C 432 24.84 -19.11 12.26
C ASP C 432 24.01 -18.66 13.46
N ILE C 433 24.23 -19.27 14.61
CA ILE C 433 23.33 -19.03 15.73
C ILE C 433 23.81 -17.93 16.67
N LYS C 434 23.10 -16.82 16.63
CA LYS C 434 23.47 -15.70 17.50
C LYS C 434 22.92 -15.87 18.91
N GLU C 435 23.78 -15.68 19.90
CA GLU C 435 23.37 -15.77 21.29
C GLU C 435 23.34 -14.44 22.04
N THR C 436 22.16 -14.14 22.55
CA THR C 436 21.91 -13.03 23.48
C THR C 436 21.28 -13.60 24.72
N LEU C 437 20.16 -13.06 25.20
CA LEU C 437 19.41 -13.82 26.19
C LEU C 437 18.77 -15.02 25.49
N THR C 438 18.65 -14.90 24.16
CA THR C 438 17.99 -15.92 23.36
C THR C 438 18.86 -16.41 22.19
N LEU C 439 18.36 -17.41 21.46
CA LEU C 439 18.99 -17.95 20.27
C LEU C 439 18.22 -17.53 19.02
N LYS C 440 18.97 -17.28 17.94
CA LYS C 440 18.36 -17.02 16.65
C LYS C 440 19.32 -17.36 15.51
N PRO C 441 18.66 -17.75 14.42
CA PRO C 441 19.37 -18.09 13.17
C PRO C 441 19.74 -16.80 12.45
N GLU C 442 20.87 -16.23 12.86
CA GLU C 442 21.29 -14.92 12.36
C GLU C 442 21.41 -14.85 10.85
N GLY C 443 20.73 -13.88 10.23
CA GLY C 443 20.76 -13.64 8.80
C GLY C 443 20.01 -14.68 7.99
N PHE C 444 19.15 -15.48 8.62
CA PHE C 444 18.39 -16.44 7.83
C PHE C 444 17.39 -15.69 6.96
N VAL C 445 17.52 -15.94 5.65
CA VAL C 445 16.62 -15.37 4.66
C VAL C 445 16.02 -16.44 3.77
N VAL C 446 14.85 -16.14 3.19
CA VAL C 446 14.23 -17.01 2.22
C VAL C 446 13.46 -16.20 1.17
N LYS C 447 12.95 -16.97 0.21
CA LYS C 447 12.04 -16.42 -0.79
C LYS C 447 10.72 -17.20 -0.72
N ALA C 448 9.62 -16.47 -0.74
CA ALA C 448 8.28 -17.05 -0.67
C ALA C 448 7.65 -16.97 -2.05
N LYS C 449 6.99 -18.04 -2.44
CA LYS C 449 6.26 -18.12 -3.70
C LYS C 449 4.80 -18.39 -3.38
N SER C 450 3.96 -17.37 -3.59
CA SER C 450 2.54 -17.47 -3.28
C SER C 450 1.89 -18.68 -3.93
N LYS C 451 1.03 -19.35 -3.17
CA LYS C 451 0.12 -20.36 -3.68
C LYS C 451 -1.19 -19.69 -4.12
N LYS C 452 -1.22 -18.37 -3.95
CA LYS C 452 -2.28 -17.48 -4.38
C LYS C 452 -3.64 -17.81 -3.78
N ILE C 453 -3.63 -18.06 -2.48
CA ILE C 453 -4.83 -18.36 -1.71
C ILE C 453 -5.20 -17.17 -0.83
N PRO C 454 -6.35 -16.56 -1.05
CA PRO C 454 -6.78 -15.38 -0.29
C PRO C 454 -7.16 -15.72 1.15
N LEU C 455 -7.26 -14.67 1.97
CA LEU C 455 -7.59 -14.90 3.38
C LEU C 455 -8.58 -13.84 3.89
N GLY C 456 -8.55 -13.68 5.20
CA GLY C 456 -9.25 -12.71 6.01
C GLY C 456 -8.47 -11.41 6.14
N GLY C 457 -9.14 -10.29 5.86
CA GLY C 457 -8.45 -9.01 5.78
C GLY C 457 -7.86 -8.87 4.37
N ILE C 458 -8.73 -9.14 3.40
CA ILE C 458 -8.54 -9.10 1.96
C ILE C 458 -9.26 -10.26 1.26
#